data_4HG3
#
_entry.id   4HG3
#
_cell.length_a   65.211
_cell.length_b   125.653
_cell.length_c   77.964
_cell.angle_alpha   90.00
_cell.angle_beta   95.30
_cell.angle_gamma   90.00
#
_symmetry.space_group_name_H-M   'P 1 21 1'
#
loop_
_entity.id
_entity.type
_entity.pdbx_description
1 polymer 'Probable hydrolase NIT2'
2 non-polymer '2-OXOGLUTARIC ACID'
3 non-polymer GLYCEROL
4 non-polymer 'CACODYLATE ION'
5 water water
#
_entity_poly.entity_id   1
_entity_poly.type   'polypeptide(L)'
_entity_poly.pdbx_seq_one_letter_code
;MGSSHHHHHHSSGLVPRGSHMASMTGGQQMGRGSMTSKLKRVAVAQLCSSADLTKNLKVVKELISEAIQKKADVVFLPEA
SDYLSQNPLHSRYLAQKSPKFIRQLQSSITDLVRDNSRNIDVSIGVHLPPSEQDLLEGNDRVRNVLLYIDHEGKILQEYQ
KLHLFDVDVPNGPILKESKSVQPGKAIPDIIESPLGKLGSAICYDIRFPEFSLKLRSMGAEILCFPSAFTIKTGEAHWEL
LGRARAVDTQCYVLMPGQVGMHDLSDPEWEKQSHMSALEKSSRRESWGHSMVIDPWGKIIAHADPSTVGPQLILADLDRE
LLQEIRNKMPLWNQRRDDLFH
;
_entity_poly.pdbx_strand_id   A,B,C,D
#
loop_
_chem_comp.id
_chem_comp.type
_chem_comp.name
_chem_comp.formula
AKG non-polymer '2-OXOGLUTARIC ACID' 'C5 H6 O5'
CAC non-polymer 'CACODYLATE ION' 'C2 H6 As O2 -1'
GOL non-polymer GLYCEROL 'C3 H8 O3'
#
# COMPACT_ATOMS: atom_id res chain seq x y z
N LYS A 38 23.29 12.91 19.03
CA LYS A 38 21.81 12.85 18.79
C LYS A 38 21.29 14.09 18.07
N LEU A 39 22.18 15.07 17.88
CA LEU A 39 21.84 16.32 17.19
C LEU A 39 22.49 16.39 15.80
N LYS A 40 21.77 16.99 14.85
CA LYS A 40 22.27 17.15 13.49
C LYS A 40 22.31 18.63 13.11
N ARG A 41 23.46 19.10 12.64
CA ARG A 41 23.65 20.52 12.37
C ARG A 41 23.28 20.95 10.94
N VAL A 42 22.37 21.91 10.87
CA VAL A 42 21.94 22.49 9.60
C VAL A 42 22.42 23.94 9.48
N ALA A 43 22.78 24.34 8.26
CA ALA A 43 23.08 25.74 7.96
C ALA A 43 22.03 26.30 7.00
N VAL A 44 21.59 27.53 7.29
CA VAL A 44 20.64 28.24 6.43
C VAL A 44 21.26 29.57 6.01
N ALA A 45 21.27 29.82 4.70
CA ALA A 45 21.91 31.00 4.13
C ALA A 45 20.92 32.07 3.71
N GLN A 46 21.30 33.33 3.97
CA GLN A 46 20.57 34.50 3.52
C GLN A 46 21.51 35.31 2.62
N LEU A 47 20.99 35.77 1.48
CA LEU A 47 21.81 36.50 0.51
C LEU A 47 20.98 37.47 -0.34
N CYS A 48 21.66 38.20 -1.22
CA CYS A 48 21.01 39.22 -2.05
C CYS A 48 21.45 39.08 -3.51
N SER A 49 20.77 38.19 -4.24
CA SER A 49 21.13 37.91 -5.63
C SER A 49 21.10 39.16 -6.50
N SER A 50 22.14 39.30 -7.33
CA SER A 50 22.16 40.28 -8.41
C SER A 50 21.83 39.54 -9.71
N ALA A 51 21.95 40.25 -10.84
CA ALA A 51 21.76 39.62 -12.15
C ALA A 51 23.07 39.00 -12.67
N ASP A 52 24.15 39.20 -11.90
CA ASP A 52 25.49 38.75 -12.29
C ASP A 52 25.79 37.38 -11.66
N LEU A 53 25.67 36.32 -12.46
CA LEU A 53 25.86 34.95 -11.97
C LEU A 53 27.25 34.69 -11.39
N THR A 54 28.28 35.30 -11.97
CA THR A 54 29.65 35.15 -11.50
C THR A 54 29.83 35.69 -10.08
N LYS A 55 29.28 36.87 -9.84
CA LYS A 55 29.34 37.49 -8.52
C LYS A 55 28.47 36.71 -7.52
N ASN A 56 27.30 36.24 -7.96
CA ASN A 56 26.44 35.44 -7.10
C ASN A 56 27.12 34.13 -6.67
N LEU A 57 27.81 33.50 -7.62
CA LEU A 57 28.53 32.25 -7.35
C LEU A 57 29.60 32.42 -6.26
N LYS A 58 30.35 33.51 -6.32
CA LYS A 58 31.36 33.82 -5.30
C LYS A 58 30.73 33.83 -3.90
N VAL A 59 29.61 34.56 -3.77
CA VAL A 59 28.86 34.64 -2.51
C VAL A 59 28.40 33.24 -2.05
N VAL A 60 27.78 32.50 -2.97
CA VAL A 60 27.35 31.12 -2.69
C VAL A 60 28.50 30.24 -2.20
N LYS A 61 29.63 30.29 -2.89
CA LYS A 61 30.81 29.48 -2.53
C LYS A 61 31.34 29.84 -1.15
N GLU A 62 31.33 31.14 -0.82
CA GLU A 62 31.79 31.61 0.48
C GLU A 62 30.91 31.07 1.62
N LEU A 63 29.59 31.09 1.39
CA LEU A 63 28.62 30.61 2.38
C LEU A 63 28.70 29.10 2.60
N ILE A 64 28.91 28.35 1.52
CA ILE A 64 29.13 26.91 1.62
C ILE A 64 30.43 26.63 2.39
N SER A 65 31.47 27.39 2.08
CA SER A 65 32.75 27.28 2.78
C SER A 65 32.57 27.52 4.28
N GLU A 66 31.80 28.55 4.63
CA GLU A 66 31.52 28.84 6.03
C GLU A 66 30.70 27.74 6.70
N ALA A 67 29.77 27.16 5.94
CA ALA A 67 28.94 26.06 6.45
C ALA A 67 29.78 24.82 6.80
N ILE A 68 30.74 24.48 5.94
CA ILE A 68 31.66 23.35 6.22
C ILE A 68 32.53 23.67 7.43
N GLN A 69 33.06 24.90 7.47
CA GLN A 69 33.84 25.37 8.63
C GLN A 69 33.11 25.18 9.95
N LYS A 70 31.81 25.50 9.97
CA LYS A 70 31.00 25.40 11.17
C LYS A 70 30.35 24.02 11.32
N LYS A 71 30.79 23.07 10.48
CA LYS A 71 30.43 21.66 10.60
C LYS A 71 28.92 21.37 10.42
N ALA A 72 28.30 22.12 9.53
CA ALA A 72 26.92 21.85 9.11
C ALA A 72 26.92 20.66 8.18
N ASP A 73 25.93 19.77 8.34
CA ASP A 73 25.82 18.59 7.49
C ASP A 73 25.19 18.89 6.13
N VAL A 74 24.29 19.87 6.12
CA VAL A 74 23.66 20.35 4.90
C VAL A 74 23.49 21.86 5.00
N VAL A 75 23.68 22.56 3.88
CA VAL A 75 23.44 24.00 3.81
C VAL A 75 22.32 24.32 2.82
N PHE A 76 21.38 25.16 3.25
CA PHE A 76 20.20 25.52 2.47
C PHE A 76 20.25 26.98 2.03
N LEU A 77 20.19 27.20 0.71
CA LEU A 77 20.26 28.54 0.14
C LEU A 77 18.93 28.93 -0.52
N PRO A 78 18.67 30.25 -0.67
CA PRO A 78 17.36 30.70 -1.14
C PRO A 78 17.01 30.37 -2.59
N GLU A 79 15.75 30.58 -2.92
CA GLU A 79 15.27 30.58 -4.28
C GLU A 79 16.11 31.59 -5.06
N ALA A 80 16.35 31.29 -6.34
CA ALA A 80 17.05 32.20 -7.26
C ALA A 80 18.44 32.65 -6.78
N SER A 81 19.20 31.71 -6.24
CA SER A 81 20.57 31.98 -5.78
C SER A 81 21.56 32.11 -6.94
N ASP A 82 21.16 31.66 -8.13
CA ASP A 82 21.96 31.89 -9.33
C ASP A 82 21.80 33.33 -9.86
N TYR A 83 20.55 33.80 -9.98
CA TYR A 83 20.25 35.16 -10.43
C TYR A 83 18.83 35.61 -10.10
N LEU A 84 18.64 36.92 -10.06
CA LEU A 84 17.31 37.50 -10.26
C LEU A 84 17.41 38.39 -11.48
N SER A 85 16.28 38.61 -12.15
CA SER A 85 16.27 39.30 -13.43
C SER A 85 15.32 40.49 -13.45
N GLN A 86 15.47 41.32 -14.49
CA GLN A 86 14.69 42.54 -14.64
C GLN A 86 13.28 42.30 -15.16
N ASN A 87 13.13 41.31 -16.04
CA ASN A 87 11.84 41.01 -16.68
C ASN A 87 11.86 39.60 -17.29
N PRO A 88 10.71 39.12 -17.82
CA PRO A 88 10.68 37.75 -18.36
C PRO A 88 11.69 37.44 -19.48
N LEU A 89 12.00 38.41 -20.33
CA LEU A 89 13.00 38.18 -21.37
C LEU A 89 14.39 38.08 -20.76
N HIS A 90 14.69 38.94 -19.79
CA HIS A 90 15.95 38.88 -19.07
C HIS A 90 16.16 37.53 -18.40
N SER A 91 15.11 37.00 -17.79
CA SER A 91 15.20 35.72 -17.10
C SER A 91 15.62 34.58 -18.03
N ARG A 92 14.99 34.50 -19.20
CA ARG A 92 15.31 33.49 -20.20
C ARG A 92 16.76 33.62 -20.69
N TYR A 93 17.21 34.86 -20.84
CA TYR A 93 18.60 35.13 -21.20
C TYR A 93 19.56 34.61 -20.11
N LEU A 94 19.27 34.89 -18.85
CA LEU A 94 20.16 34.47 -17.76
C LEU A 94 20.09 32.97 -17.49
N ALA A 95 18.92 32.37 -17.69
CA ALA A 95 18.73 30.93 -17.54
C ALA A 95 19.68 30.14 -18.46
N GLN A 96 20.04 30.73 -19.59
CA GLN A 96 21.00 30.09 -20.50
C GLN A 96 22.41 29.98 -19.91
N LYS A 97 22.69 30.80 -18.89
CA LYS A 97 23.98 30.81 -18.21
C LYS A 97 24.00 29.94 -16.94
N SER A 98 22.83 29.49 -16.50
CA SER A 98 22.72 28.73 -15.26
C SER A 98 23.36 27.32 -15.29
N PRO A 99 23.24 26.59 -16.43
CA PRO A 99 23.94 25.30 -16.48
C PRO A 99 25.43 25.40 -16.13
N LYS A 100 26.09 26.44 -16.64
CA LYS A 100 27.50 26.71 -16.34
C LYS A 100 27.72 27.04 -14.86
N PHE A 101 26.89 27.93 -14.31
CA PHE A 101 26.87 28.24 -12.87
C PHE A 101 26.78 26.95 -12.03
N ILE A 102 25.88 26.05 -12.42
CA ILE A 102 25.68 24.82 -11.68
C ILE A 102 26.89 23.88 -11.78
N ARG A 103 27.42 23.69 -12.99
CA ARG A 103 28.63 22.90 -13.19
C ARG A 103 29.79 23.42 -12.35
N GLN A 104 29.93 24.74 -12.29
CA GLN A 104 30.96 25.38 -11.49
C GLN A 104 30.71 25.19 -10.00
N LEU A 105 29.44 25.22 -9.60
CA LEU A 105 29.05 24.99 -8.21
C LEU A 105 29.36 23.55 -7.78
N GLN A 106 29.01 22.59 -8.63
CA GLN A 106 29.33 21.17 -8.36
C GLN A 106 30.82 21.01 -8.07
N SER A 107 31.66 21.62 -8.91
CA SER A 107 33.12 21.61 -8.75
C SER A 107 33.58 22.30 -7.48
N SER A 108 32.95 23.43 -7.16
CA SER A 108 33.26 24.18 -5.94
C SER A 108 32.98 23.34 -4.69
N ILE A 109 31.85 22.62 -4.72
CA ILE A 109 31.46 21.74 -3.61
C ILE A 109 32.50 20.65 -3.39
N THR A 110 32.88 19.94 -4.46
CA THR A 110 33.88 18.88 -4.34
C THR A 110 35.25 19.43 -3.91
N ASP A 111 35.62 20.60 -4.44
CA ASP A 111 36.87 21.27 -4.04
C ASP A 111 36.86 21.57 -2.53
N LEU A 112 35.75 22.11 -2.05
CA LEU A 112 35.61 22.49 -0.64
C LEU A 112 35.56 21.27 0.28
N VAL A 113 34.87 20.23 -0.15
CA VAL A 113 34.82 18.97 0.60
C VAL A 113 36.22 18.36 0.70
N ARG A 114 36.95 18.34 -0.42
CA ARG A 114 38.32 17.84 -0.47
C ARG A 114 39.26 18.61 0.48
N ASP A 115 39.23 19.94 0.39
CA ASP A 115 40.15 20.80 1.14
C ASP A 115 39.85 20.84 2.64
N ASN A 116 38.58 20.65 3.01
CA ASN A 116 38.19 20.63 4.42
C ASN A 116 38.11 19.23 5.02
N SER A 117 38.39 18.20 4.21
CA SER A 117 38.32 16.80 4.66
C SER A 117 36.98 16.46 5.34
N ARG A 118 35.91 17.01 4.79
CA ARG A 118 34.60 16.93 5.44
C ARG A 118 33.48 17.07 4.41
N ASN A 119 32.46 16.24 4.56
CA ASN A 119 31.31 16.25 3.66
C ASN A 119 30.30 17.35 3.99
N ILE A 120 29.62 17.83 2.95
CA ILE A 120 28.43 18.67 3.09
C ILE A 120 27.54 18.46 1.86
N ASP A 121 26.23 18.53 2.08
CA ASP A 121 25.28 18.53 0.97
C ASP A 121 24.71 19.94 0.82
N VAL A 122 24.23 20.25 -0.38
CA VAL A 122 23.78 21.62 -0.69
C VAL A 122 22.41 21.61 -1.32
N SER A 123 21.50 22.41 -0.75
CA SER A 123 20.19 22.65 -1.35
C SER A 123 20.14 24.11 -1.77
N ILE A 124 19.86 24.36 -3.04
CA ILE A 124 19.98 25.71 -3.61
C ILE A 124 19.00 25.96 -4.74
N GLY A 125 18.33 27.12 -4.70
CA GLY A 125 17.41 27.52 -5.75
C GLY A 125 18.15 28.11 -6.94
N VAL A 126 17.82 27.62 -8.13
CA VAL A 126 18.39 28.11 -9.38
C VAL A 126 17.28 28.23 -10.43
N HIS A 127 17.65 28.63 -11.64
CA HIS A 127 16.76 28.57 -12.78
C HIS A 127 17.39 27.63 -13.80
N LEU A 128 16.56 26.99 -14.63
CA LEU A 128 17.07 26.20 -15.75
C LEU A 128 16.29 26.53 -17.02
N PRO A 129 16.97 26.48 -18.18
CA PRO A 129 16.31 26.79 -19.44
C PRO A 129 15.28 25.71 -19.77
N PRO A 130 14.32 26.00 -20.66
CA PRO A 130 13.37 24.98 -21.07
C PRO A 130 14.07 23.87 -21.86
N SER A 131 13.47 22.68 -21.84
CA SER A 131 13.99 21.53 -22.56
C SER A 131 13.59 21.59 -24.03
N GLU A 132 14.19 20.74 -24.85
CA GLU A 132 13.78 20.61 -26.26
C GLU A 132 12.29 20.28 -26.38
N GLN A 133 11.80 19.36 -25.55
CA GLN A 133 10.37 19.00 -25.56
C GLN A 133 9.50 20.19 -25.19
N ASP A 134 9.93 20.96 -24.20
CA ASP A 134 9.22 22.21 -23.82
C ASP A 134 9.09 23.12 -25.04
N LEU A 135 10.21 23.30 -25.74
CA LEU A 135 10.27 24.20 -26.89
C LEU A 135 9.41 23.68 -28.04
N LEU A 136 9.43 22.36 -28.23
CA LEU A 136 8.60 21.70 -29.24
C LEU A 136 7.12 21.99 -28.99
N GLU A 137 6.76 22.11 -27.72
CA GLU A 137 5.38 22.36 -27.32
C GLU A 137 5.06 23.85 -27.16
N GLY A 138 5.96 24.70 -27.62
CA GLY A 138 5.79 26.16 -27.53
C GLY A 138 5.94 26.75 -26.14
N ASN A 139 6.76 26.12 -25.31
CA ASN A 139 6.99 26.57 -23.95
C ASN A 139 8.46 26.92 -23.74
N ASP A 140 8.77 28.21 -23.87
CA ASP A 140 10.15 28.70 -23.73
C ASP A 140 10.43 29.35 -22.38
N ARG A 141 9.56 29.10 -21.41
CA ARG A 141 9.73 29.65 -20.07
C ARG A 141 10.80 28.88 -19.30
N VAL A 142 11.39 29.55 -18.30
CA VAL A 142 12.47 28.93 -17.52
C VAL A 142 11.86 28.07 -16.41
N ARG A 143 12.64 27.11 -15.93
CA ARG A 143 12.24 26.27 -14.80
C ARG A 143 12.79 26.87 -13.50
N ASN A 144 11.91 27.06 -12.51
CA ASN A 144 12.33 27.53 -11.20
C ASN A 144 12.61 26.28 -10.37
N VAL A 145 13.88 26.01 -10.11
CA VAL A 145 14.32 24.70 -9.65
C VAL A 145 15.10 24.72 -8.34
N LEU A 146 14.72 23.85 -7.41
CA LEU A 146 15.49 23.62 -6.20
C LEU A 146 16.36 22.39 -6.40
N LEU A 147 17.67 22.62 -6.38
CA LEU A 147 18.65 21.54 -6.53
C LEU A 147 19.09 21.00 -5.18
N TYR A 148 19.17 19.68 -5.10
CA TYR A 148 19.88 19.03 -4.00
C TYR A 148 21.15 18.39 -4.57
N ILE A 149 22.30 18.84 -4.07
CA ILE A 149 23.59 18.37 -4.56
C ILE A 149 24.37 17.75 -3.39
N ASP A 150 24.85 16.52 -3.56
CA ASP A 150 25.58 15.85 -2.47
C ASP A 150 27.06 16.22 -2.44
N HIS A 151 27.79 15.68 -1.47
CA HIS A 151 29.22 16.01 -1.28
C HIS A 151 30.12 15.61 -2.45
N GLU A 152 29.65 14.69 -3.30
CA GLU A 152 30.38 14.30 -4.49
C GLU A 152 30.02 15.18 -5.70
N GLY A 153 29.24 16.24 -5.46
CA GLY A 153 28.80 17.14 -6.52
C GLY A 153 27.72 16.54 -7.40
N LYS A 154 27.13 15.45 -6.93
CA LYS A 154 26.09 14.76 -7.69
C LYS A 154 24.74 15.40 -7.41
N ILE A 155 24.02 15.73 -8.48
CA ILE A 155 22.65 16.28 -8.34
C ILE A 155 21.66 15.14 -8.07
N LEU A 156 21.05 15.17 -6.89
CA LEU A 156 20.10 14.13 -6.48
C LEU A 156 18.67 14.46 -6.84
N GLN A 157 18.33 15.75 -6.84
CA GLN A 157 16.98 16.20 -7.12
C GLN A 157 16.97 17.56 -7.81
N GLU A 158 16.03 17.70 -8.75
CA GLU A 158 15.68 18.97 -9.34
C GLU A 158 14.19 19.15 -9.14
N TYR A 159 13.80 19.87 -8.08
CA TYR A 159 12.39 20.12 -7.85
C TYR A 159 11.96 21.39 -8.58
N GLN A 160 11.03 21.22 -9.53
CA GLN A 160 10.47 22.34 -10.29
C GLN A 160 9.23 22.91 -9.59
N LYS A 161 9.31 24.20 -9.26
CA LYS A 161 8.31 24.90 -8.46
C LYS A 161 6.89 24.73 -8.99
N LEU A 162 5.99 24.29 -8.11
CA LEU A 162 4.61 23.94 -8.48
C LEU A 162 3.63 25.10 -8.48
N HIS A 163 3.75 26.00 -7.50
CA HIS A 163 2.84 27.13 -7.37
C HIS A 163 3.58 28.42 -7.66
N LEU A 164 3.18 29.10 -8.74
CA LEU A 164 3.87 30.28 -9.19
C LEU A 164 3.22 31.55 -8.66
N PHE A 165 4.07 32.52 -8.31
CA PHE A 165 3.65 33.75 -7.65
C PHE A 165 3.02 34.74 -8.65
N ASP A 166 1.73 34.57 -8.87
CA ASP A 166 0.94 35.50 -9.70
C ASP A 166 -0.01 36.25 -8.79
N VAL A 167 0.44 37.41 -8.30
CA VAL A 167 -0.24 38.12 -7.23
C VAL A 167 -0.19 39.64 -7.44
N ASP A 168 -1.28 40.30 -7.11
CA ASP A 168 -1.30 41.76 -7.00
C ASP A 168 -0.92 42.11 -5.56
N VAL A 169 0.33 42.55 -5.36
CA VAL A 169 0.82 42.89 -4.02
C VAL A 169 0.06 44.10 -3.47
N PRO A 170 -0.43 44.01 -2.22
CA PRO A 170 -1.13 45.14 -1.60
C PRO A 170 -0.21 46.34 -1.39
N ASN A 171 -0.62 47.50 -1.94
CA ASN A 171 0.24 48.68 -2.04
C ASN A 171 1.61 48.28 -2.59
N GLY A 172 1.59 47.84 -3.85
CA GLY A 172 2.78 47.31 -4.52
C GLY A 172 2.46 46.88 -5.94
N PRO A 173 3.44 46.22 -6.60
CA PRO A 173 3.30 45.88 -8.02
C PRO A 173 2.42 44.66 -8.34
N ILE A 174 1.99 44.57 -9.59
CA ILE A 174 1.40 43.36 -10.16
C ILE A 174 2.56 42.44 -10.52
N LEU A 175 2.58 41.24 -9.93
CA LEU A 175 3.64 40.28 -10.22
C LEU A 175 3.07 39.02 -10.84
N LYS A 176 3.67 38.61 -11.96
CA LYS A 176 3.24 37.40 -12.67
C LYS A 176 4.44 36.52 -13.00
N GLU A 177 4.79 35.65 -12.06
CA GLU A 177 5.88 34.68 -12.24
C GLU A 177 5.68 33.78 -13.46
N SER A 178 4.43 33.42 -13.74
CA SER A 178 4.09 32.55 -14.87
C SER A 178 4.44 33.12 -16.25
N LYS A 179 4.73 34.42 -16.30
CA LYS A 179 5.18 35.04 -17.56
C LYS A 179 6.61 34.64 -17.89
N SER A 180 7.40 34.38 -16.86
CA SER A 180 8.80 33.99 -17.04
C SER A 180 9.07 32.51 -16.74
N VAL A 181 8.25 31.92 -15.87
CA VAL A 181 8.49 30.59 -15.34
C VAL A 181 7.38 29.59 -15.69
N GLN A 182 7.76 28.37 -16.08
CA GLN A 182 6.81 27.29 -16.32
C GLN A 182 6.61 26.49 -15.03
N PRO A 183 5.35 26.18 -14.67
CA PRO A 183 5.10 25.41 -13.45
C PRO A 183 5.56 23.96 -13.55
N GLY A 184 5.97 23.39 -12.42
CA GLY A 184 6.34 21.99 -12.35
C GLY A 184 5.14 21.08 -12.50
N LYS A 185 5.41 19.79 -12.70
CA LYS A 185 4.34 18.82 -12.88
C LYS A 185 4.50 17.63 -11.94
N ALA A 186 5.39 17.74 -10.96
CA ALA A 186 5.75 16.60 -10.11
C ALA A 186 5.83 16.97 -8.63
N ILE A 187 5.39 16.05 -7.77
CA ILE A 187 5.59 16.18 -6.32
C ILE A 187 7.00 15.66 -6.02
N PRO A 188 7.82 16.48 -5.33
CA PRO A 188 9.22 16.10 -5.07
C PRO A 188 9.32 14.93 -4.09
N ASP A 189 10.17 13.96 -4.44
CA ASP A 189 10.49 12.83 -3.57
C ASP A 189 11.08 13.30 -2.25
N ILE A 190 10.83 12.53 -1.20
CA ILE A 190 11.48 12.77 0.08
C ILE A 190 12.96 12.43 -0.05
N ILE A 191 13.81 13.39 0.36
CA ILE A 191 15.26 13.22 0.29
C ILE A 191 15.82 12.68 1.61
N GLU A 192 16.55 11.57 1.54
CA GLU A 192 17.25 11.03 2.70
C GLU A 192 18.55 11.80 2.92
N SER A 193 18.45 12.95 3.59
CA SER A 193 19.61 13.80 3.80
C SER A 193 20.34 13.41 5.10
N PRO A 194 21.59 13.89 5.27
CA PRO A 194 22.32 13.71 6.52
C PRO A 194 21.55 14.15 7.76
N LEU A 195 20.56 15.03 7.58
CA LEU A 195 19.77 15.57 8.68
C LEU A 195 18.53 14.74 9.01
N GLY A 196 18.15 13.89 8.07
CA GLY A 196 16.88 13.18 8.15
C GLY A 196 16.09 13.38 6.87
N LYS A 197 14.83 12.95 6.89
CA LYS A 197 13.96 12.96 5.72
C LYS A 197 13.51 14.37 5.34
N LEU A 198 13.91 14.81 4.15
CA LEU A 198 13.68 16.17 3.69
C LEU A 198 12.55 16.29 2.68
N GLY A 199 11.64 17.22 2.95
CA GLY A 199 10.58 17.59 2.02
C GLY A 199 10.91 18.92 1.36
N SER A 200 10.91 18.96 0.04
CA SER A 200 11.32 20.13 -0.71
C SER A 200 10.14 20.98 -1.20
N ALA A 201 10.28 22.31 -1.08
CA ALA A 201 9.31 23.26 -1.60
C ALA A 201 9.98 24.58 -1.90
N ILE A 202 9.33 25.42 -2.71
CA ILE A 202 9.85 26.75 -3.02
C ILE A 202 8.92 27.87 -2.74
N CYS A 203 9.39 28.80 -1.96
CA CYS A 203 8.58 30.07 -1.75
C CYS A 203 7.03 30.05 -1.59
N TYR A 204 6.23 30.60 -2.69
CA TYR A 204 4.69 30.53 -2.82
C TYR A 204 4.15 29.14 -2.45
N ASP A 205 4.84 28.06 -2.66
CA ASP A 205 4.47 26.70 -2.23
C ASP A 205 4.00 26.65 -0.78
N ILE A 206 4.66 27.44 0.07
CA ILE A 206 4.33 27.54 1.50
C ILE A 206 2.86 27.85 1.80
N ARG A 207 2.17 28.51 0.87
CA ARG A 207 0.80 28.98 1.11
C ARG A 207 -0.28 27.92 0.87
N PHE A 208 0.12 26.79 0.29
CA PHE A 208 -0.82 25.72 -0.06
C PHE A 208 -0.61 24.55 0.89
N PRO A 209 -1.35 24.55 2.03
CA PRO A 209 -1.05 23.62 3.13
C PRO A 209 -1.06 22.15 2.72
N GLU A 210 -1.90 21.81 1.73
CA GLU A 210 -2.02 20.42 1.27
C GLU A 210 -0.68 19.85 0.75
N PHE A 211 0.17 20.74 0.22
CA PHE A 211 1.50 20.34 -0.26
C PHE A 211 2.39 19.92 0.92
N SER A 212 2.47 20.78 1.94
CA SER A 212 3.23 20.44 3.15
C SER A 212 2.65 19.20 3.84
N LEU A 213 1.33 19.08 3.84
CA LEU A 213 0.67 17.89 4.41
C LEU A 213 1.07 16.61 3.68
N LYS A 214 1.14 16.68 2.35
CA LYS A 214 1.58 15.57 1.51
C LYS A 214 3.03 15.17 1.83
N LEU A 215 3.90 16.17 1.95
CA LEU A 215 5.32 15.91 2.23
C LEU A 215 5.47 15.16 3.55
N ARG A 216 4.78 15.64 4.59
CA ARG A 216 4.77 14.91 5.86
C ARG A 216 4.20 13.49 5.72
N SER A 217 3.06 13.36 5.03
CA SER A 217 2.44 12.05 4.80
C SER A 217 3.40 11.06 4.14
N MET A 218 4.27 11.57 3.27
CA MET A 218 5.24 10.75 2.55
C MET A 218 6.47 10.40 3.40
N GLY A 219 6.63 11.12 4.51
CA GLY A 219 7.65 10.76 5.51
C GLY A 219 8.60 11.87 5.90
N ALA A 220 8.35 13.09 5.42
CA ALA A 220 9.20 14.24 5.75
C ALA A 220 9.32 14.49 7.25
N GLU A 221 10.52 14.87 7.68
CA GLU A 221 10.80 15.30 9.04
C GLU A 221 11.22 16.77 9.05
N ILE A 222 11.66 17.22 7.88
CA ILE A 222 12.17 18.58 7.69
C ILE A 222 11.57 19.10 6.40
N LEU A 223 11.05 20.33 6.44
CA LEU A 223 10.58 21.01 5.25
C LEU A 223 11.46 22.23 5.00
N CYS A 224 11.72 22.54 3.74
CA CYS A 224 12.40 23.79 3.39
C CYS A 224 11.57 24.63 2.44
N PHE A 225 11.63 25.94 2.63
CA PHE A 225 10.96 26.89 1.74
C PHE A 225 11.92 28.01 1.30
N PRO A 226 12.96 27.68 0.49
CA PRO A 226 13.82 28.71 -0.08
C PRO A 226 12.98 29.74 -0.83
N SER A 227 13.26 31.02 -0.62
CA SER A 227 12.34 32.08 -1.04
C SER A 227 13.00 33.37 -1.48
N ALA A 228 12.34 34.05 -2.41
CA ALA A 228 12.51 35.47 -2.66
C ALA A 228 11.14 36.11 -2.35
N PHE A 229 10.97 36.50 -1.10
CA PHE A 229 9.68 36.90 -0.55
C PHE A 229 9.58 38.42 -0.51
N THR A 230 8.41 38.96 -0.89
CA THR A 230 8.18 40.40 -0.93
C THR A 230 8.18 41.02 0.47
N ILE A 231 8.46 42.32 0.54
CA ILE A 231 8.43 43.08 1.79
C ILE A 231 7.04 43.09 2.38
N LYS A 232 6.06 43.51 1.56
CA LYS A 232 4.68 43.67 1.99
C LYS A 232 4.05 42.36 2.49
N THR A 233 4.28 41.27 1.77
CA THR A 233 3.74 39.99 2.23
C THR A 233 4.63 39.37 3.31
N GLY A 234 5.93 39.70 3.28
CA GLY A 234 6.88 39.21 4.30
C GLY A 234 6.56 39.73 5.69
N GLU A 235 6.41 41.04 5.81
CA GLU A 235 6.01 41.69 7.07
C GLU A 235 4.75 41.05 7.65
N ALA A 236 3.80 40.73 6.77
CA ALA A 236 2.51 40.18 7.21
C ALA A 236 2.59 38.70 7.55
N HIS A 237 3.18 37.90 6.66
CA HIS A 237 2.94 36.46 6.68
C HIS A 237 4.15 35.53 6.78
N TRP A 238 5.36 36.04 6.54
CA TRP A 238 6.55 35.17 6.45
C TRP A 238 6.72 34.29 7.70
N GLU A 239 6.81 34.92 8.87
CA GLU A 239 6.96 34.17 10.11
C GLU A 239 5.75 33.32 10.42
N LEU A 240 4.55 33.87 10.20
CA LEU A 240 3.31 33.14 10.41
C LEU A 240 3.28 31.83 9.62
N LEU A 241 3.66 31.90 8.35
CA LEU A 241 3.54 30.75 7.44
C LEU A 241 4.54 29.65 7.77
N GLY A 242 5.77 30.05 8.10
CA GLY A 242 6.80 29.11 8.52
C GLY A 242 6.38 28.36 9.77
N ARG A 243 5.95 29.11 10.79
CA ARG A 243 5.51 28.53 12.04
C ARG A 243 4.26 27.67 11.85
N ALA A 244 3.34 28.12 10.99
CA ALA A 244 2.12 27.36 10.73
C ALA A 244 2.45 26.01 10.09
N ARG A 245 3.29 26.02 9.07
CA ARG A 245 3.68 24.78 8.39
C ARG A 245 4.43 23.83 9.32
N ALA A 246 5.26 24.39 10.20
CA ALA A 246 5.98 23.63 11.21
C ALA A 246 5.03 22.89 12.16
N VAL A 247 4.05 23.62 12.69
CA VAL A 247 3.08 23.07 13.65
C VAL A 247 2.07 22.14 12.98
N ASP A 248 1.63 22.51 11.77
CA ASP A 248 0.75 21.67 10.96
C ASP A 248 1.31 20.26 10.76
N THR A 249 2.60 20.17 10.46
CA THR A 249 3.22 18.93 9.99
C THR A 249 4.13 18.26 11.01
N GLN A 250 4.37 18.93 12.14
CA GLN A 250 5.33 18.47 13.16
C GLN A 250 6.69 18.16 12.54
N CYS A 251 7.20 19.11 11.76
CA CYS A 251 8.49 19.01 11.10
C CYS A 251 9.29 20.23 11.47
N TYR A 252 10.62 20.10 11.43
CA TYR A 252 11.48 21.26 11.43
C TYR A 252 11.24 21.98 10.12
N VAL A 253 11.25 23.32 10.15
CA VAL A 253 11.04 24.10 8.95
C VAL A 253 12.23 25.02 8.73
N LEU A 254 12.83 24.94 7.54
CA LEU A 254 13.95 25.78 7.16
C LEU A 254 13.46 26.84 6.18
N MET A 255 13.87 28.08 6.43
CA MET A 255 13.41 29.21 5.62
CA MET A 255 13.41 29.22 5.65
C MET A 255 14.59 30.06 5.12
N PRO A 256 15.24 29.61 4.03
CA PRO A 256 16.29 30.45 3.45
C PRO A 256 15.66 31.54 2.58
N GLY A 257 15.92 32.80 2.92
CA GLY A 257 15.33 33.91 2.20
C GLY A 257 16.33 34.87 1.59
N GLN A 258 15.98 35.39 0.42
CA GLN A 258 16.64 36.54 -0.17
C GLN A 258 16.37 37.74 0.73
N VAL A 259 17.29 38.70 0.73
CA VAL A 259 17.11 39.91 1.52
C VAL A 259 17.60 41.11 0.71
N GLY A 260 17.11 42.31 1.05
CA GLY A 260 17.69 43.56 0.57
C GLY A 260 17.22 44.03 -0.80
N MET A 261 17.78 45.16 -1.25
CA MET A 261 17.47 45.73 -2.55
C MET A 261 18.39 45.12 -3.60
N HIS A 262 17.80 44.40 -4.55
CA HIS A 262 18.57 43.67 -5.58
C HIS A 262 19.13 44.57 -6.68
N ASP A 263 20.42 44.39 -6.99
CA ASP A 263 21.03 45.05 -8.14
C ASP A 263 20.85 44.17 -9.36
N LEU A 264 19.89 44.52 -10.20
CA LEU A 264 19.54 43.70 -11.36
C LEU A 264 20.26 44.15 -12.65
N SER A 265 21.21 45.08 -12.50
CA SER A 265 21.96 45.65 -13.62
C SER A 265 22.64 44.59 -14.48
N ASP A 266 22.50 44.73 -15.79
CA ASP A 266 23.16 43.84 -16.74
C ASP A 266 23.46 44.63 -18.02
N PRO A 267 24.53 45.45 -18.00
CA PRO A 267 24.88 46.31 -19.14
C PRO A 267 24.95 45.61 -20.50
N GLU A 268 25.51 44.40 -20.55
CA GLU A 268 25.66 43.72 -21.83
C GLU A 268 24.32 43.26 -22.41
N TRP A 269 23.40 42.85 -21.54
CA TRP A 269 22.06 42.48 -21.97
C TRP A 269 21.21 43.70 -22.31
N GLU A 270 21.38 44.77 -21.53
CA GLU A 270 20.68 46.03 -21.79
C GLU A 270 21.03 46.59 -23.17
N LYS A 271 22.32 46.49 -23.53
CA LYS A 271 22.82 46.83 -24.86
C LYS A 271 22.13 45.98 -25.94
N GLN A 272 22.14 44.67 -25.73
CA GLN A 272 21.59 43.70 -26.68
C GLN A 272 20.08 43.86 -26.92
N SER A 273 19.34 44.21 -25.87
CA SER A 273 17.89 44.35 -25.98
C SER A 273 17.45 45.78 -26.28
N HIS A 274 18.42 46.67 -26.51
CA HIS A 274 18.17 48.08 -26.85
C HIS A 274 17.29 48.77 -25.82
N MET A 275 17.67 48.64 -24.55
CA MET A 275 16.87 49.21 -23.47
CA MET A 275 16.89 49.18 -23.44
C MET A 275 17.33 50.61 -23.11
N SER A 276 16.35 51.50 -22.98
CA SER A 276 16.59 52.89 -22.58
C SER A 276 16.86 52.94 -21.09
N ALA A 277 17.60 53.97 -20.66
CA ALA A 277 17.86 54.21 -19.24
C ALA A 277 16.57 54.27 -18.43
N LEU A 278 15.49 54.70 -19.09
CA LEU A 278 14.17 54.82 -18.46
C LEU A 278 13.62 53.47 -18.04
N GLU A 279 13.84 52.45 -18.87
CA GLU A 279 13.39 51.10 -18.58
C GLU A 279 14.39 50.27 -17.77
N LYS A 280 15.56 50.86 -17.49
CA LYS A 280 16.68 50.17 -16.81
C LYS A 280 16.49 50.00 -15.30
N SER A 281 15.73 50.91 -14.70
CA SER A 281 15.62 51.05 -13.24
C SER A 281 14.93 49.87 -12.55
N SER A 282 15.38 49.58 -11.32
CA SER A 282 14.75 48.54 -10.49
C SER A 282 14.79 48.88 -9.00
N ARG A 283 13.70 48.53 -8.31
CA ARG A 283 13.65 48.65 -6.86
C ARG A 283 13.08 47.37 -6.22
N ARG A 284 13.47 46.22 -6.78
CA ARG A 284 13.04 44.94 -6.21
C ARG A 284 13.72 44.69 -4.86
N GLU A 285 12.92 44.30 -3.88
CA GLU A 285 13.38 44.15 -2.51
C GLU A 285 12.80 42.89 -1.89
N SER A 286 13.64 42.13 -1.17
CA SER A 286 13.22 40.88 -0.53
C SER A 286 13.22 40.97 0.99
N TRP A 287 12.37 40.17 1.63
CA TRP A 287 12.06 40.29 3.07
C TRP A 287 13.18 39.85 4.00
N GLY A 288 13.92 38.83 3.61
CA GLY A 288 14.96 38.25 4.47
C GLY A 288 14.35 37.51 5.65
N HIS A 289 14.83 37.83 6.85
CA HIS A 289 14.35 37.19 8.09
C HIS A 289 14.47 35.65 8.03
N SER A 290 15.57 35.16 7.45
CA SER A 290 15.81 33.72 7.34
C SER A 290 15.77 33.10 8.72
N MET A 291 15.17 31.93 8.84
CA MET A 291 14.99 31.30 10.15
C MET A 291 14.90 29.79 10.10
N VAL A 292 15.02 29.19 11.28
CA VAL A 292 14.80 27.76 11.48
C VAL A 292 13.73 27.63 12.58
N ILE A 293 12.75 26.78 12.35
CA ILE A 293 11.65 26.57 13.28
C ILE A 293 11.55 25.09 13.67
N ASP A 294 11.37 24.81 14.96
CA ASP A 294 11.20 23.42 15.42
C ASP A 294 9.76 22.89 15.21
N PRO A 295 9.54 21.58 15.43
CA PRO A 295 8.21 21.00 15.17
C PRO A 295 7.07 21.52 16.07
N TRP A 296 7.41 22.31 17.08
CA TRP A 296 6.44 22.90 17.99
C TRP A 296 6.13 24.36 17.62
N GLY A 297 6.80 24.87 16.59
CA GLY A 297 6.61 26.25 16.14
C GLY A 297 7.56 27.26 16.78
N LYS A 298 8.56 26.77 17.51
CA LYS A 298 9.55 27.66 18.12
C LYS A 298 10.67 27.99 17.13
N ILE A 299 10.93 29.28 16.97
CA ILE A 299 12.06 29.75 16.18
C ILE A 299 13.33 29.52 16.98
N ILE A 300 14.24 28.73 16.42
CA ILE A 300 15.47 28.36 17.12
C ILE A 300 16.73 29.00 16.53
N ALA A 301 16.60 29.55 15.33
CA ALA A 301 17.66 30.36 14.72
C ALA A 301 17.01 31.38 13.81
N HIS A 302 17.60 32.57 13.73
CA HIS A 302 17.02 33.67 12.95
C HIS A 302 18.13 34.60 12.46
N ALA A 303 18.01 35.08 11.23
CA ALA A 303 18.97 36.02 10.65
C ALA A 303 19.13 37.30 11.49
N ASP A 304 20.35 37.83 11.51
CA ASP A 304 20.64 39.10 12.19
C ASP A 304 20.13 40.24 11.30
N PRO A 305 19.19 41.06 11.82
CA PRO A 305 18.65 42.15 11.00
C PRO A 305 19.60 43.34 10.79
N SER A 306 20.76 43.31 11.43
CA SER A 306 21.72 44.42 11.33
C SER A 306 22.55 44.44 10.01
N THR A 307 22.39 43.41 9.18
CA THR A 307 22.99 43.42 7.83
C THR A 307 22.01 42.98 6.75
N VAL A 308 22.13 43.60 5.56
CA VAL A 308 21.37 43.18 4.38
C VAL A 308 22.27 42.46 3.37
N GLY A 309 23.48 42.13 3.81
CA GLY A 309 24.41 41.32 3.03
C GLY A 309 24.24 39.84 3.31
N PRO A 310 25.09 38.99 2.71
CA PRO A 310 24.99 37.55 2.93
C PRO A 310 25.33 37.13 4.36
N GLN A 311 24.58 36.17 4.89
CA GLN A 311 24.87 35.62 6.20
C GLN A 311 24.40 34.19 6.35
N LEU A 312 24.98 33.49 7.32
CA LEU A 312 24.63 32.11 7.60
C LEU A 312 24.11 31.98 9.02
N ILE A 313 23.02 31.25 9.19
CA ILE A 313 22.53 30.87 10.52
C ILE A 313 22.63 29.36 10.70
N LEU A 314 22.87 28.94 11.93
CA LEU A 314 23.07 27.53 12.24
C LEU A 314 22.07 27.07 13.30
N ALA A 315 21.67 25.82 13.22
CA ALA A 315 20.77 25.24 14.21
C ALA A 315 21.10 23.76 14.37
N ASP A 316 20.92 23.24 15.58
CA ASP A 316 21.07 21.81 15.82
C ASP A 316 19.66 21.20 15.90
N LEU A 317 19.39 20.25 15.01
CA LEU A 317 18.07 19.61 14.94
C LEU A 317 18.04 18.37 15.82
N ASP A 318 16.94 18.20 16.56
CA ASP A 318 16.82 17.14 17.55
C ASP A 318 15.74 16.13 17.14
N ARG A 319 16.17 14.97 16.64
CA ARG A 319 15.27 13.89 16.22
C ARG A 319 14.40 13.40 17.37
N GLU A 320 14.97 13.31 18.56
CA GLU A 320 14.26 12.85 19.75
C GLU A 320 13.09 13.79 20.09
N LEU A 321 13.31 15.10 19.97
CA LEU A 321 12.27 16.09 20.21
C LEU A 321 11.14 15.96 19.17
N LEU A 322 11.51 15.84 17.91
CA LEU A 322 10.55 15.64 16.82
C LEU A 322 9.69 14.40 17.08
N GLN A 323 10.34 13.30 17.48
CA GLN A 323 9.63 12.05 17.75
C GLN A 323 8.72 12.15 18.98
N GLU A 324 9.20 12.79 20.03
CA GLU A 324 8.41 13.07 21.23
C GLU A 324 7.12 13.86 20.90
N ILE A 325 7.29 14.96 20.18
CA ILE A 325 6.16 15.80 19.76
C ILE A 325 5.11 14.99 19.00
N ARG A 326 5.56 14.14 18.08
CA ARG A 326 4.66 13.32 17.27
C ARG A 326 3.98 12.23 18.11
N ASN A 327 4.70 11.67 19.07
CA ASN A 327 4.15 10.69 20.02
C ASN A 327 3.04 11.28 20.88
N LYS A 328 3.26 12.47 21.39
CA LYS A 328 2.34 13.11 22.33
C LYS A 328 1.07 13.61 21.65
N MET A 329 1.19 13.99 20.39
CA MET A 329 0.06 14.48 19.60
C MET A 329 0.07 13.79 18.25
N PRO A 330 -0.48 12.56 18.20
CA PRO A 330 -0.32 11.75 17.00
C PRO A 330 -1.25 12.17 15.86
N LEU A 331 -1.02 13.38 15.32
CA LEU A 331 -1.87 13.93 14.27
C LEU A 331 -2.05 12.97 13.09
N TRP A 332 -0.97 12.31 12.67
CA TRP A 332 -1.04 11.41 11.50
C TRP A 332 -1.71 10.06 11.74
N ASN A 333 -2.11 9.80 13.00
CA ASN A 333 -2.94 8.65 13.35
C ASN A 333 -4.41 9.06 13.51
N GLN A 334 -4.69 10.34 13.33
CA GLN A 334 -6.00 10.90 13.69
C GLN A 334 -6.74 11.57 12.54
N ARG A 335 -6.20 11.49 11.33
CA ARG A 335 -6.80 12.19 10.20
C ARG A 335 -8.05 11.49 9.71
N ARG A 336 -8.90 12.24 9.03
CA ARG A 336 -10.15 11.67 8.51
C ARG A 336 -10.04 11.47 6.99
N ASP A 337 -9.22 10.49 6.60
CA ASP A 337 -9.05 10.10 5.21
C ASP A 337 -10.36 9.60 4.58
N ASP A 338 -11.28 9.11 5.43
CA ASP A 338 -12.64 8.74 4.96
C ASP A 338 -13.43 9.93 4.40
N LEU A 339 -13.07 11.15 4.78
CA LEU A 339 -13.81 12.35 4.38
C LEU A 339 -13.02 13.32 3.52
N PHE A 340 -11.72 13.45 3.81
CA PHE A 340 -10.83 14.34 3.06
C PHE A 340 -9.81 13.51 2.31
N HIS A 341 -9.24 14.10 1.25
CA HIS A 341 -8.38 13.37 0.31
C HIS A 341 -9.16 12.27 -0.40
N LEU B 39 -24.78 -20.62 -15.01
CA LEU B 39 -23.67 -20.13 -15.89
C LEU B 39 -23.47 -18.62 -15.75
N LYS B 40 -22.59 -18.25 -14.84
CA LYS B 40 -22.28 -16.84 -14.61
C LYS B 40 -21.01 -16.49 -15.40
N ARG B 41 -21.00 -15.30 -15.98
CA ARG B 41 -19.97 -14.93 -16.95
C ARG B 41 -18.84 -14.13 -16.33
N VAL B 42 -17.61 -14.56 -16.60
CA VAL B 42 -16.41 -13.87 -16.15
C VAL B 42 -15.68 -13.25 -17.34
N ALA B 43 -15.10 -12.08 -17.11
CA ALA B 43 -14.18 -11.47 -18.07
C ALA B 43 -12.77 -11.41 -17.47
N VAL B 44 -11.78 -11.76 -18.28
CA VAL B 44 -10.39 -11.64 -17.87
C VAL B 44 -9.69 -10.68 -18.84
N ALA B 45 -9.09 -9.63 -18.29
CA ALA B 45 -8.45 -8.58 -19.10
C ALA B 45 -6.95 -8.81 -19.22
N GLN B 46 -6.44 -8.49 -20.41
CA GLN B 46 -5.01 -8.49 -20.70
C GLN B 46 -4.65 -7.08 -21.16
N LEU B 47 -3.57 -6.53 -20.61
CA LEU B 47 -3.16 -5.17 -20.96
C LEU B 47 -1.64 -4.96 -20.83
N CYS B 48 -1.20 -3.73 -21.15
CA CYS B 48 0.21 -3.38 -21.14
C CYS B 48 0.45 -2.06 -20.40
N SER B 49 0.64 -2.14 -19.09
CA SER B 49 0.79 -0.95 -18.26
C SER B 49 1.99 -0.09 -18.64
N SER B 50 1.74 1.21 -18.75
CA SER B 50 2.81 2.20 -18.87
C SER B 50 3.03 2.79 -17.47
N ALA B 51 3.89 3.80 -17.38
CA ALA B 51 4.10 4.53 -16.13
C ALA B 51 3.11 5.70 -16.00
N ASP B 52 2.21 5.84 -16.97
CA ASP B 52 1.25 6.94 -17.03
C ASP B 52 -0.08 6.44 -16.49
N LEU B 53 -0.39 6.80 -15.25
CA LEU B 53 -1.62 6.34 -14.59
C LEU B 53 -2.88 6.83 -15.30
N THR B 54 -2.79 8.01 -15.89
CA THR B 54 -3.91 8.61 -16.63
C THR B 54 -4.26 7.77 -17.87
N LYS B 55 -3.24 7.45 -18.66
CA LYS B 55 -3.42 6.61 -19.84
C LYS B 55 -3.86 5.18 -19.46
N ASN B 56 -3.22 4.61 -18.44
CA ASN B 56 -3.60 3.31 -17.91
C ASN B 56 -5.07 3.25 -17.46
N LEU B 57 -5.52 4.27 -16.75
CA LEU B 57 -6.91 4.35 -16.30
C LEU B 57 -7.90 4.34 -17.46
N LYS B 58 -7.56 5.07 -18.54
CA LYS B 58 -8.41 5.09 -19.74
C LYS B 58 -8.59 3.69 -20.32
N VAL B 59 -7.50 2.96 -20.45
CA VAL B 59 -7.52 1.57 -20.93
C VAL B 59 -8.38 0.69 -20.02
N VAL B 60 -8.19 0.83 -18.71
CA VAL B 60 -8.94 0.06 -17.72
C VAL B 60 -10.45 0.29 -17.84
N LYS B 61 -10.86 1.55 -17.91
CA LYS B 61 -12.26 1.94 -18.07
C LYS B 61 -12.87 1.33 -19.33
N GLU B 62 -12.14 1.41 -20.44
CA GLU B 62 -12.60 0.85 -21.71
C GLU B 62 -12.83 -0.65 -21.62
N LEU B 63 -11.94 -1.34 -20.91
CA LEU B 63 -12.06 -2.78 -20.71
C LEU B 63 -13.25 -3.15 -19.84
N ILE B 64 -13.50 -2.36 -18.79
CA ILE B 64 -14.66 -2.58 -17.93
C ILE B 64 -15.94 -2.31 -18.71
N SER B 65 -15.94 -1.24 -19.52
CA SER B 65 -17.06 -0.92 -20.40
C SER B 65 -17.35 -2.08 -21.36
N GLU B 66 -16.29 -2.62 -21.95
CA GLU B 66 -16.40 -3.77 -22.86
C GLU B 66 -16.98 -5.00 -22.13
N ALA B 67 -16.51 -5.24 -20.91
CA ALA B 67 -16.98 -6.36 -20.09
C ALA B 67 -18.47 -6.30 -19.77
N ILE B 68 -18.97 -5.11 -19.39
CA ILE B 68 -20.41 -4.93 -19.15
C ILE B 68 -21.22 -5.19 -20.42
N GLN B 69 -20.78 -4.62 -21.54
CA GLN B 69 -21.43 -4.82 -22.84
C GLN B 69 -21.49 -6.29 -23.24
N LYS B 70 -20.46 -7.04 -22.86
CA LYS B 70 -20.38 -8.48 -23.18
C LYS B 70 -21.00 -9.35 -22.07
N LYS B 71 -21.68 -8.68 -21.13
CA LYS B 71 -22.49 -9.29 -20.08
C LYS B 71 -21.71 -10.13 -19.07
N ALA B 72 -20.48 -9.71 -18.82
CA ALA B 72 -19.67 -10.28 -17.75
C ALA B 72 -20.15 -9.72 -16.40
N ASP B 73 -20.11 -10.57 -15.38
CA ASP B 73 -20.62 -10.20 -14.06
C ASP B 73 -19.50 -9.73 -13.14
N VAL B 74 -18.30 -10.22 -13.41
CA VAL B 74 -17.06 -9.74 -12.77
C VAL B 74 -15.98 -9.70 -13.85
N VAL B 75 -15.14 -8.67 -13.79
CA VAL B 75 -13.97 -8.57 -14.67
C VAL B 75 -12.68 -8.52 -13.82
N PHE B 76 -11.70 -9.34 -14.21
CA PHE B 76 -10.45 -9.43 -13.49
C PHE B 76 -9.31 -8.84 -14.32
N LEU B 77 -8.61 -7.85 -13.77
CA LEU B 77 -7.47 -7.20 -14.45
C LEU B 77 -6.12 -7.55 -13.79
N PRO B 78 -5.01 -7.41 -14.54
CA PRO B 78 -3.71 -7.89 -14.06
C PRO B 78 -3.11 -7.13 -12.87
N GLU B 79 -2.08 -7.73 -12.29
CA GLU B 79 -1.21 -7.08 -11.34
C GLU B 79 -0.68 -5.78 -11.96
N ALA B 80 -0.52 -4.74 -11.14
CA ALA B 80 0.05 -3.45 -11.57
C ALA B 80 -0.72 -2.82 -12.74
N SER B 81 -2.05 -2.82 -12.65
CA SER B 81 -2.91 -2.22 -13.67
C SER B 81 -2.97 -0.69 -13.58
N ASP B 82 -2.48 -0.14 -12.47
CA ASP B 82 -2.38 1.31 -12.32
C ASP B 82 -1.09 1.85 -12.95
N TYR B 83 0.04 1.18 -12.68
CA TYR B 83 1.33 1.54 -13.27
C TYR B 83 2.35 0.40 -13.19
N LEU B 84 3.34 0.46 -14.06
CA LEU B 84 4.62 -0.22 -13.84
C LEU B 84 5.70 0.85 -13.89
N SER B 85 6.80 0.63 -13.16
CA SER B 85 7.81 1.67 -12.98
C SER B 85 9.23 1.24 -13.36
N GLN B 86 10.12 2.22 -13.46
CA GLN B 86 11.50 2.02 -13.92
C GLN B 86 12.43 1.44 -12.84
N ASN B 87 12.18 1.79 -11.59
CA ASN B 87 12.99 1.34 -10.46
C ASN B 87 12.26 1.55 -9.13
N PRO B 88 12.87 1.14 -8.00
CA PRO B 88 12.18 1.24 -6.70
C PRO B 88 11.80 2.66 -6.27
N LEU B 89 12.61 3.64 -6.64
CA LEU B 89 12.32 5.04 -6.33
C LEU B 89 11.14 5.53 -7.18
N HIS B 90 11.15 5.15 -8.46
CA HIS B 90 10.03 5.48 -9.37
C HIS B 90 8.72 4.89 -8.89
N SER B 91 8.75 3.67 -8.38
CA SER B 91 7.54 3.00 -7.89
C SER B 91 6.90 3.76 -6.73
N ARG B 92 7.73 4.21 -5.79
CA ARG B 92 7.28 4.94 -4.61
C ARG B 92 6.66 6.28 -5.01
N TYR B 93 7.27 6.91 -6.01
CA TYR B 93 6.79 8.17 -6.57
C TYR B 93 5.41 7.99 -7.21
N LEU B 94 5.25 6.92 -7.98
CA LEU B 94 3.99 6.66 -8.66
C LEU B 94 2.89 6.18 -7.71
N ALA B 95 3.27 5.42 -6.70
CA ALA B 95 2.31 4.91 -5.71
C ALA B 95 1.54 6.05 -5.04
N GLN B 96 2.17 7.23 -4.99
CA GLN B 96 1.53 8.43 -4.47
C GLN B 96 0.33 8.88 -5.32
N LYS B 97 0.33 8.49 -6.59
CA LYS B 97 -0.75 8.84 -7.52
C LYS B 97 -1.86 7.79 -7.55
N SER B 98 -1.59 6.64 -6.94
CA SER B 98 -2.51 5.52 -6.99
C SER B 98 -3.85 5.71 -6.24
N PRO B 99 -3.83 6.41 -5.07
CA PRO B 99 -5.13 6.67 -4.43
C PRO B 99 -6.12 7.46 -5.30
N LYS B 100 -5.62 8.46 -6.04
CA LYS B 100 -6.45 9.25 -6.97
C LYS B 100 -7.00 8.37 -8.09
N PHE B 101 -6.12 7.55 -8.68
CA PHE B 101 -6.49 6.54 -9.69
C PHE B 101 -7.64 5.66 -9.20
N ILE B 102 -7.56 5.24 -7.93
CA ILE B 102 -8.54 4.33 -7.37
C ILE B 102 -9.91 5.00 -7.17
N ARG B 103 -9.89 6.22 -6.63
CA ARG B 103 -11.13 6.99 -6.44
C ARG B 103 -11.82 7.25 -7.78
N GLN B 104 -11.02 7.61 -8.79
CA GLN B 104 -11.54 7.82 -10.14
C GLN B 104 -12.10 6.53 -10.74
N LEU B 105 -11.43 5.41 -10.46
CA LEU B 105 -11.89 4.10 -10.91
C LEU B 105 -13.24 3.73 -10.27
N GLN B 106 -13.35 3.96 -8.98
CA GLN B 106 -14.59 3.72 -8.24
C GLN B 106 -15.77 4.46 -8.86
N SER B 107 -15.57 5.74 -9.16
CA SER B 107 -16.57 6.59 -9.80
C SER B 107 -16.92 6.12 -11.20
N SER B 108 -15.89 5.73 -11.97
CA SER B 108 -16.07 5.22 -13.32
C SER B 108 -16.93 3.96 -13.36
N ILE B 109 -16.74 3.09 -12.37
CA ILE B 109 -17.50 1.85 -12.26
C ILE B 109 -19.00 2.14 -12.05
N THR B 110 -19.31 3.01 -11.08
CA THR B 110 -20.69 3.41 -10.83
C THR B 110 -21.30 4.16 -12.03
N ASP B 111 -20.50 4.98 -12.69
CA ASP B 111 -20.91 5.64 -13.93
C ASP B 111 -21.27 4.62 -15.02
N LEU B 112 -20.36 3.67 -15.24
CA LEU B 112 -20.56 2.63 -16.25
C LEU B 112 -21.76 1.71 -15.96
N VAL B 113 -21.95 1.37 -14.69
CA VAL B 113 -23.07 0.53 -14.26
C VAL B 113 -24.41 1.24 -14.51
N ARG B 114 -24.45 2.53 -14.20
CA ARG B 114 -25.62 3.38 -14.40
C ARG B 114 -25.97 3.52 -15.88
N ASP B 115 -24.98 3.86 -16.70
CA ASP B 115 -25.18 4.10 -18.12
C ASP B 115 -25.55 2.84 -18.91
N ASN B 116 -25.14 1.69 -18.40
CA ASN B 116 -25.45 0.40 -19.04
C ASN B 116 -26.60 -0.36 -18.38
N SER B 117 -27.13 0.20 -17.29
CA SER B 117 -28.19 -0.44 -16.50
C SER B 117 -27.88 -1.90 -16.14
N ARG B 118 -26.62 -2.15 -15.79
CA ARG B 118 -26.16 -3.51 -15.50
C ARG B 118 -24.99 -3.50 -14.52
N ASN B 119 -25.08 -4.35 -13.51
CA ASN B 119 -24.04 -4.47 -12.49
C ASN B 119 -22.80 -5.22 -12.98
N ILE B 120 -21.63 -4.82 -12.48
CA ILE B 120 -20.39 -5.57 -12.65
C ILE B 120 -19.48 -5.28 -11.46
N ASP B 121 -18.71 -6.30 -11.06
CA ASP B 121 -17.69 -6.13 -10.03
C ASP B 121 -16.31 -6.18 -10.69
N VAL B 122 -15.31 -5.61 -10.01
CA VAL B 122 -13.98 -5.44 -10.60
C VAL B 122 -12.89 -5.89 -9.65
N SER B 123 -12.06 -6.83 -10.11
CA SER B 123 -10.83 -7.21 -9.40
C SER B 123 -9.64 -6.68 -10.19
N ILE B 124 -8.76 -5.93 -9.52
CA ILE B 124 -7.69 -5.18 -10.21
C ILE B 124 -6.46 -4.95 -9.35
N GLY B 125 -5.29 -5.24 -9.91
CA GLY B 125 -4.01 -5.05 -9.23
C GLY B 125 -3.59 -3.60 -9.26
N VAL B 126 -3.20 -3.08 -8.10
CA VAL B 126 -2.69 -1.71 -7.96
C VAL B 126 -1.51 -1.65 -7.00
N HIS B 127 -0.98 -0.45 -6.77
CA HIS B 127 -0.01 -0.23 -5.70
C HIS B 127 -0.59 0.81 -4.74
N LEU B 128 -0.19 0.74 -3.48
CA LEU B 128 -0.56 1.76 -2.50
C LEU B 128 0.67 2.21 -1.75
N PRO B 129 0.72 3.51 -1.36
CA PRO B 129 1.85 3.98 -0.55
C PRO B 129 1.89 3.33 0.83
N PRO B 130 3.05 3.39 1.52
CA PRO B 130 3.10 2.90 2.89
C PRO B 130 2.26 3.75 3.83
N SER B 131 1.76 3.16 4.91
CA SER B 131 0.99 3.90 5.90
C SER B 131 1.92 4.64 6.86
N GLU B 132 1.36 5.50 7.70
CA GLU B 132 2.17 6.20 8.72
C GLU B 132 2.89 5.23 9.64
N GLN B 133 2.20 4.17 10.07
CA GLN B 133 2.78 3.13 10.91
C GLN B 133 3.93 2.40 10.21
N ASP B 134 3.78 2.14 8.91
CA ASP B 134 4.87 1.60 8.11
C ASP B 134 6.07 2.53 8.18
N LEU B 135 5.82 3.82 7.98
CA LEU B 135 6.90 4.81 7.96
C LEU B 135 7.59 4.92 9.32
N LEU B 136 6.78 4.80 10.38
CA LEU B 136 7.25 4.83 11.76
C LEU B 136 8.22 3.68 12.03
N GLU B 137 7.95 2.53 11.41
CA GLU B 137 8.76 1.32 11.59
C GLU B 137 9.91 1.24 10.57
N GLY B 138 10.12 2.32 9.82
CA GLY B 138 11.21 2.40 8.84
C GLY B 138 10.95 1.63 7.56
N ASN B 139 9.68 1.52 7.20
CA ASN B 139 9.27 0.79 6.01
C ASN B 139 8.57 1.76 5.05
N ASP B 140 9.30 2.24 4.05
CA ASP B 140 8.73 3.16 3.06
C ASP B 140 8.40 2.47 1.74
N ARG B 141 8.26 1.15 1.80
CA ARG B 141 7.97 0.37 0.61
C ARG B 141 6.49 0.41 0.27
N VAL B 142 6.18 0.28 -1.03
CA VAL B 142 4.81 0.30 -1.50
C VAL B 142 4.13 -1.05 -1.29
N ARG B 143 2.80 -1.03 -1.25
CA ARG B 143 2.01 -2.23 -1.07
C ARG B 143 1.55 -2.69 -2.46
N ASN B 144 1.78 -3.96 -2.77
CA ASN B 144 1.26 -4.56 -3.99
C ASN B 144 -0.12 -5.12 -3.68
N VAL B 145 -1.16 -4.45 -4.16
CA VAL B 145 -2.52 -4.67 -3.67
C VAL B 145 -3.50 -5.10 -4.75
N LEU B 146 -4.24 -6.18 -4.48
CA LEU B 146 -5.33 -6.61 -5.35
C LEU B 146 -6.65 -6.13 -4.77
N LEU B 147 -7.29 -5.22 -5.48
CA LEU B 147 -8.56 -4.65 -5.06
C LEU B 147 -9.74 -5.42 -5.61
N TYR B 148 -10.75 -5.61 -4.76
CA TYR B 148 -12.05 -6.03 -5.24
C TYR B 148 -13.03 -4.87 -4.99
N ILE B 149 -13.59 -4.36 -6.08
CA ILE B 149 -14.53 -3.24 -6.03
C ILE B 149 -15.87 -3.71 -6.57
N ASP B 150 -16.95 -3.50 -5.82
CA ASP B 150 -18.27 -3.93 -6.28
C ASP B 150 -18.94 -2.92 -7.20
N HIS B 151 -20.12 -3.29 -7.68
CA HIS B 151 -20.91 -2.46 -8.63
C HIS B 151 -21.36 -1.10 -8.07
N GLU B 152 -21.30 -0.95 -6.75
CA GLU B 152 -21.61 0.34 -6.11
C GLU B 152 -20.34 1.14 -5.82
N GLY B 153 -19.20 0.66 -6.34
CA GLY B 153 -17.93 1.34 -6.17
C GLY B 153 -17.28 1.11 -4.81
N LYS B 154 -17.84 0.21 -4.01
CA LYS B 154 -17.32 -0.10 -2.69
C LYS B 154 -16.12 -1.04 -2.78
N ILE B 155 -15.04 -0.69 -2.10
CA ILE B 155 -13.87 -1.57 -1.99
C ILE B 155 -14.15 -2.64 -0.93
N LEU B 156 -14.25 -3.89 -1.37
CA LEU B 156 -14.58 -4.99 -0.48
C LEU B 156 -13.34 -5.68 0.08
N GLN B 157 -12.23 -5.59 -0.65
CA GLN B 157 -10.98 -6.21 -0.24
C GLN B 157 -9.77 -5.49 -0.78
N GLU B 158 -8.73 -5.41 0.05
CA GLU B 158 -7.41 -4.97 -0.37
C GLU B 158 -6.41 -6.05 0.03
N TYR B 159 -6.15 -6.97 -0.89
CA TYR B 159 -5.20 -8.05 -0.60
C TYR B 159 -3.76 -7.62 -0.92
N GLN B 160 -2.90 -7.61 0.10
CA GLN B 160 -1.49 -7.24 -0.05
C GLN B 160 -0.64 -8.48 -0.32
N LYS B 161 0.01 -8.48 -1.49
CA LYS B 161 0.80 -9.61 -1.98
C LYS B 161 1.71 -10.22 -0.91
N LEU B 162 1.59 -11.53 -0.73
CA LEU B 162 2.32 -12.26 0.32
C LEU B 162 3.72 -12.72 -0.07
N HIS B 163 3.87 -13.21 -1.29
CA HIS B 163 5.13 -13.76 -1.79
C HIS B 163 5.69 -12.85 -2.88
N LEU B 164 6.81 -12.20 -2.58
CA LEU B 164 7.39 -11.23 -3.50
C LEU B 164 8.42 -11.83 -4.45
N PHE B 165 8.44 -11.34 -5.67
CA PHE B 165 9.25 -11.90 -6.75
C PHE B 165 10.72 -11.48 -6.65
N ASP B 166 11.48 -12.23 -5.86
CA ASP B 166 12.93 -12.06 -5.78
C ASP B 166 13.59 -13.27 -6.40
N VAL B 167 13.91 -13.16 -7.70
CA VAL B 167 14.40 -14.29 -8.49
C VAL B 167 15.49 -13.85 -9.47
N ASP B 168 16.50 -14.69 -9.65
CA ASP B 168 17.44 -14.54 -10.74
C ASP B 168 16.85 -15.27 -11.94
N VAL B 169 16.29 -14.51 -12.87
CA VAL B 169 15.63 -15.09 -14.04
C VAL B 169 16.65 -15.84 -14.89
N PRO B 170 16.37 -17.12 -15.21
CA PRO B 170 17.23 -17.89 -16.11
C PRO B 170 17.33 -17.19 -17.47
N ASN B 171 18.56 -16.93 -17.89
CA ASN B 171 18.86 -16.26 -19.15
C ASN B 171 18.36 -14.80 -19.19
N GLY B 172 18.11 -14.24 -18.01
CA GLY B 172 17.55 -12.90 -17.91
C GLY B 172 18.11 -12.06 -16.79
N PRO B 173 17.36 -11.04 -16.35
CA PRO B 173 17.82 -10.11 -15.32
C PRO B 173 17.62 -10.63 -13.89
N ILE B 174 18.37 -10.06 -12.95
CA ILE B 174 18.13 -10.25 -11.53
C ILE B 174 16.96 -9.37 -11.13
N LEU B 175 15.89 -9.97 -10.64
CA LEU B 175 14.73 -9.20 -10.20
C LEU B 175 14.52 -9.30 -8.69
N LYS B 176 14.23 -8.17 -8.05
CA LYS B 176 14.04 -8.13 -6.60
C LYS B 176 12.89 -7.21 -6.22
N GLU B 177 11.68 -7.76 -6.23
CA GLU B 177 10.46 -7.04 -5.87
C GLU B 177 10.50 -6.42 -4.47
N SER B 178 11.14 -7.13 -3.53
CA SER B 178 11.15 -6.71 -2.12
C SER B 178 11.98 -5.44 -1.87
N LYS B 179 12.67 -4.95 -2.90
CA LYS B 179 13.37 -3.66 -2.81
C LYS B 179 12.37 -2.51 -2.76
N SER B 180 11.28 -2.66 -3.51
CA SER B 180 10.29 -1.58 -3.62
C SER B 180 9.01 -1.89 -2.88
N VAL B 181 8.71 -3.18 -2.71
CA VAL B 181 7.42 -3.64 -2.19
C VAL B 181 7.57 -4.32 -0.82
N GLN B 182 6.62 -4.02 0.07
CA GLN B 182 6.55 -4.68 1.37
C GLN B 182 5.56 -5.85 1.32
N PRO B 183 5.97 -7.01 1.87
CA PRO B 183 5.10 -8.18 1.83
C PRO B 183 3.90 -8.03 2.76
N GLY B 184 2.79 -8.66 2.37
CA GLY B 184 1.58 -8.65 3.17
C GLY B 184 1.72 -9.49 4.41
N LYS B 185 0.79 -9.31 5.34
CA LYS B 185 0.79 -10.05 6.59
C LYS B 185 -0.54 -10.75 6.86
N ALA B 186 -1.41 -10.78 5.85
CA ALA B 186 -2.76 -11.35 6.00
C ALA B 186 -3.13 -12.31 4.88
N ILE B 187 -3.83 -13.40 5.25
CA ILE B 187 -4.43 -14.31 4.27
C ILE B 187 -5.74 -13.67 3.80
N PRO B 188 -5.93 -13.54 2.47
CA PRO B 188 -7.13 -12.91 1.97
C PRO B 188 -8.41 -13.71 2.27
N ASP B 189 -9.43 -13.00 2.74
CA ASP B 189 -10.75 -13.57 2.96
C ASP B 189 -11.36 -14.03 1.64
N ILE B 190 -12.22 -15.05 1.72
CA ILE B 190 -12.99 -15.51 0.56
C ILE B 190 -14.08 -14.47 0.24
N ILE B 191 -14.13 -14.03 -1.01
CA ILE B 191 -15.13 -13.03 -1.43
C ILE B 191 -16.35 -13.72 -2.03
N GLU B 192 -17.53 -13.38 -1.52
CA GLU B 192 -18.78 -13.90 -2.07
C GLU B 192 -19.17 -13.09 -3.31
N SER B 193 -18.55 -13.43 -4.44
CA SER B 193 -18.72 -12.70 -5.69
C SER B 193 -19.97 -13.19 -6.44
N PRO B 194 -20.43 -12.41 -7.45
CA PRO B 194 -21.55 -12.85 -8.30
C PRO B 194 -21.34 -14.20 -8.98
N LEU B 195 -20.07 -14.60 -9.15
CA LEU B 195 -19.73 -15.87 -9.81
C LEU B 195 -19.65 -17.03 -8.83
N GLY B 196 -19.52 -16.72 -7.54
CA GLY B 196 -19.29 -17.72 -6.51
C GLY B 196 -18.16 -17.30 -5.60
N LYS B 197 -17.70 -18.24 -4.76
CA LYS B 197 -16.69 -17.94 -3.75
C LYS B 197 -15.30 -17.77 -4.35
N LEU B 198 -14.72 -16.58 -4.12
CA LEU B 198 -13.47 -16.18 -4.76
C LEU B 198 -12.31 -16.16 -3.78
N GLY B 199 -11.24 -16.87 -4.15
CA GLY B 199 -9.96 -16.77 -3.47
C GLY B 199 -9.02 -15.89 -4.28
N SER B 200 -8.39 -14.92 -3.61
CA SER B 200 -7.54 -13.94 -4.29
C SER B 200 -6.06 -14.23 -4.06
N ALA B 201 -5.26 -14.02 -5.09
CA ALA B 201 -3.81 -14.16 -5.01
C ALA B 201 -3.16 -13.30 -6.07
N ILE B 202 -1.87 -13.06 -5.99
CA ILE B 202 -1.19 -12.29 -7.02
C ILE B 202 0.12 -12.88 -7.57
N CYS B 203 0.05 -13.03 -8.97
CA CYS B 203 1.33 -13.39 -9.54
C CYS B 203 2.10 -14.45 -8.95
N TYR B 204 3.40 -14.36 -8.27
CA TYR B 204 4.32 -15.32 -7.64
C TYR B 204 3.68 -16.16 -6.58
N ASP B 205 2.63 -15.67 -5.96
CA ASP B 205 1.78 -16.44 -5.01
C ASP B 205 1.40 -17.80 -5.59
N ILE B 206 1.29 -17.86 -6.92
CA ILE B 206 0.91 -19.08 -7.64
C ILE B 206 1.88 -20.26 -7.41
N ARG B 207 3.14 -19.96 -7.09
CA ARG B 207 4.15 -21.01 -6.98
C ARG B 207 4.14 -21.74 -5.62
N PHE B 208 3.41 -21.20 -4.66
CA PHE B 208 3.36 -21.76 -3.31
C PHE B 208 2.03 -22.47 -3.10
N PRO B 209 1.98 -23.78 -3.38
CA PRO B 209 0.70 -24.50 -3.46
C PRO B 209 -0.13 -24.47 -2.18
N GLU B 210 0.54 -24.42 -1.02
CA GLU B 210 -0.13 -24.35 0.27
C GLU B 210 -1.08 -23.16 0.40
N PHE B 211 -0.77 -22.08 -0.29
CA PHE B 211 -1.63 -20.88 -0.32
C PHE B 211 -2.93 -21.22 -1.06
N SER B 212 -2.80 -21.78 -2.27
CA SER B 212 -3.97 -22.21 -3.03
C SER B 212 -4.80 -23.24 -2.27
N LEU B 213 -4.13 -24.20 -1.65
CA LEU B 213 -4.79 -25.23 -0.86
C LEU B 213 -5.62 -24.60 0.27
N LYS B 214 -5.03 -23.59 0.93
CA LYS B 214 -5.69 -22.85 1.99
C LYS B 214 -6.94 -22.14 1.47
N LEU B 215 -6.82 -21.46 0.32
CA LEU B 215 -7.98 -20.78 -0.28
C LEU B 215 -9.15 -21.75 -0.52
N ARG B 216 -8.84 -22.92 -1.09
CA ARG B 216 -9.84 -23.95 -1.28
C ARG B 216 -10.43 -24.43 0.05
N SER B 217 -9.55 -24.71 1.03
CA SER B 217 -10.01 -25.11 2.36
C SER B 217 -10.98 -24.13 3.00
N MET B 218 -10.80 -22.84 2.71
CA MET B 218 -11.67 -21.80 3.25
C MET B 218 -13.00 -21.68 2.53
N GLY B 219 -13.09 -22.26 1.34
CA GLY B 219 -14.34 -22.33 0.59
C GLY B 219 -14.30 -21.84 -0.84
N ALA B 220 -13.11 -21.52 -1.34
CA ALA B 220 -12.96 -20.97 -2.70
C ALA B 220 -13.48 -21.94 -3.74
N GLU B 221 -14.11 -21.37 -4.78
CA GLU B 221 -14.55 -22.12 -5.97
C GLU B 221 -13.80 -21.58 -7.18
N ILE B 222 -13.28 -20.37 -7.04
CA ILE B 222 -12.57 -19.68 -8.11
C ILE B 222 -11.34 -19.04 -7.51
N LEU B 223 -10.19 -19.21 -8.18
CA LEU B 223 -8.96 -18.56 -7.80
C LEU B 223 -8.55 -17.61 -8.91
N CYS B 224 -7.96 -16.48 -8.54
CA CYS B 224 -7.40 -15.58 -9.54
C CYS B 224 -5.95 -15.28 -9.27
N PHE B 225 -5.15 -15.23 -10.33
CA PHE B 225 -3.74 -14.93 -10.19
C PHE B 225 -3.33 -13.78 -11.14
N PRO B 226 -3.86 -12.55 -10.91
CA PRO B 226 -3.42 -11.41 -11.72
C PRO B 226 -1.92 -11.22 -11.63
N SER B 227 -1.29 -10.93 -12.77
CA SER B 227 0.15 -11.09 -12.91
C SER B 227 0.82 -10.12 -13.88
N ALA B 228 2.08 -9.80 -13.55
CA ALA B 228 3.05 -9.28 -14.50
C ALA B 228 4.17 -10.32 -14.56
N PHE B 229 4.00 -11.29 -15.46
CA PHE B 229 4.83 -12.48 -15.51
C PHE B 229 5.94 -12.34 -16.56
N THR B 230 7.13 -12.85 -16.26
CA THR B 230 8.26 -12.69 -17.17
C THR B 230 8.12 -13.57 -18.41
N ILE B 231 8.85 -13.22 -19.47
CA ILE B 231 8.91 -14.00 -20.69
C ILE B 231 9.55 -15.36 -20.43
N LYS B 232 10.74 -15.34 -19.82
CA LYS B 232 11.54 -16.54 -19.59
C LYS B 232 10.87 -17.56 -18.66
N THR B 233 10.11 -17.09 -17.67
CA THR B 233 9.37 -18.00 -16.80
C THR B 233 7.96 -18.28 -17.32
N GLY B 234 7.41 -17.34 -18.08
CA GLY B 234 6.08 -17.50 -18.71
C GLY B 234 6.05 -18.64 -19.71
N GLU B 235 7.02 -18.63 -20.64
CA GLU B 235 7.21 -19.70 -21.61
C GLU B 235 7.31 -21.08 -20.94
N ALA B 236 8.02 -21.12 -19.80
CA ALA B 236 8.24 -22.36 -19.09
C ALA B 236 7.05 -22.81 -18.25
N HIS B 237 6.49 -21.89 -17.46
CA HIS B 237 5.61 -22.31 -16.34
C HIS B 237 4.21 -21.71 -16.25
N TRP B 238 3.94 -20.63 -17.00
CA TRP B 238 2.66 -19.90 -16.83
C TRP B 238 1.44 -20.83 -16.98
N GLU B 239 1.35 -21.52 -18.11
CA GLU B 239 0.25 -22.45 -18.34
C GLU B 239 0.26 -23.63 -17.36
N LEU B 240 1.44 -24.20 -17.14
CA LEU B 240 1.62 -25.29 -16.19
C LEU B 240 1.11 -24.95 -14.78
N LEU B 241 1.52 -23.80 -14.25
CA LEU B 241 1.13 -23.37 -12.91
C LEU B 241 -0.37 -23.11 -12.75
N GLY B 242 -0.98 -22.53 -13.77
CA GLY B 242 -2.41 -22.24 -13.74
C GLY B 242 -3.23 -23.52 -13.75
N ARG B 243 -2.84 -24.45 -14.63
CA ARG B 243 -3.51 -25.74 -14.75
C ARG B 243 -3.30 -26.55 -13.47
N ALA B 244 -2.06 -26.58 -12.98
CA ALA B 244 -1.74 -27.29 -11.75
C ALA B 244 -2.59 -26.80 -10.57
N ARG B 245 -2.65 -25.48 -10.37
CA ARG B 245 -3.48 -24.91 -9.29
C ARG B 245 -4.95 -25.26 -9.46
N ALA B 246 -5.44 -25.21 -10.71
CA ALA B 246 -6.82 -25.58 -11.02
C ALA B 246 -7.11 -27.02 -10.60
N VAL B 247 -6.23 -27.95 -10.99
CA VAL B 247 -6.41 -29.37 -10.70
C VAL B 247 -6.14 -29.70 -9.22
N ASP B 248 -5.17 -29.01 -8.62
CA ASP B 248 -4.87 -29.17 -7.19
C ASP B 248 -6.10 -28.90 -6.32
N THR B 249 -6.84 -27.85 -6.67
CA THR B 249 -7.86 -27.28 -5.79
C THR B 249 -9.29 -27.55 -6.25
N GLN B 250 -9.45 -28.12 -7.44
CA GLN B 250 -10.76 -28.31 -8.07
C GLN B 250 -11.55 -27.00 -8.08
N CYS B 251 -10.89 -25.97 -8.59
CA CYS B 251 -11.46 -24.64 -8.73
C CYS B 251 -11.23 -24.15 -10.14
N TYR B 252 -12.09 -23.25 -10.59
CA TYR B 252 -11.80 -22.45 -11.77
C TYR B 252 -10.61 -21.55 -11.44
N VAL B 253 -9.70 -21.38 -12.40
CA VAL B 253 -8.54 -20.51 -12.22
C VAL B 253 -8.56 -19.42 -13.29
N LEU B 254 -8.49 -18.17 -12.84
CA LEU B 254 -8.42 -17.03 -13.73
C LEU B 254 -7.00 -16.48 -13.75
N MET B 255 -6.51 -16.15 -14.94
CA MET B 255 -5.12 -15.72 -15.10
CA MET B 255 -5.11 -15.73 -15.11
C MET B 255 -5.00 -14.42 -15.90
N PRO B 256 -5.32 -13.27 -15.26
CA PRO B 256 -5.13 -12.01 -15.98
C PRO B 256 -3.67 -11.60 -15.99
N GLY B 257 -3.12 -11.40 -17.18
CA GLY B 257 -1.68 -11.12 -17.29
C GLY B 257 -1.37 -9.85 -18.06
N GLN B 258 -0.34 -9.15 -17.59
CA GLN B 258 0.30 -8.09 -18.39
C GLN B 258 0.89 -8.73 -19.65
N VAL B 259 0.95 -7.95 -20.73
CA VAL B 259 1.58 -8.41 -21.97
C VAL B 259 2.40 -7.29 -22.60
N GLY B 260 3.38 -7.67 -23.42
CA GLY B 260 4.08 -6.74 -24.30
C GLY B 260 5.23 -5.97 -23.68
N MET B 261 5.85 -5.11 -24.50
CA MET B 261 6.94 -4.26 -24.07
C MET B 261 6.39 -3.02 -23.39
N HIS B 262 6.68 -2.88 -22.10
CA HIS B 262 6.15 -1.74 -21.34
C HIS B 262 6.90 -0.45 -21.65
N ASP B 263 6.13 0.61 -21.87
CA ASP B 263 6.67 1.97 -22.01
C ASP B 263 6.66 2.60 -20.63
N LEU B 264 7.81 2.64 -19.99
CA LEU B 264 7.93 3.12 -18.61
C LEU B 264 8.35 4.57 -18.53
N SER B 265 8.34 5.26 -19.67
CA SER B 265 8.77 6.66 -19.77
C SER B 265 8.00 7.60 -18.86
N ASP B 266 8.72 8.48 -18.19
CA ASP B 266 8.11 9.44 -17.28
C ASP B 266 8.99 10.70 -17.26
N PRO B 267 8.87 11.54 -18.31
CA PRO B 267 9.73 12.72 -18.45
C PRO B 267 9.82 13.61 -17.20
N GLU B 268 8.70 13.91 -16.56
CA GLU B 268 8.71 14.80 -15.40
C GLU B 268 9.41 14.20 -14.19
N TRP B 269 9.29 12.88 -14.01
CA TRP B 269 10.02 12.20 -12.94
C TRP B 269 11.51 12.08 -13.26
N GLU B 270 11.83 11.73 -14.51
CA GLU B 270 13.22 11.64 -14.99
C GLU B 270 13.98 12.97 -14.77
N LYS B 271 13.31 14.08 -15.09
CA LYS B 271 13.82 15.44 -14.84
C LYS B 271 14.12 15.63 -13.35
N GLN B 272 13.12 15.32 -12.52
CA GLN B 272 13.21 15.50 -11.07
C GLN B 272 14.37 14.73 -10.45
N SER B 273 14.60 13.50 -10.91
CA SER B 273 15.64 12.65 -10.35
C SER B 273 16.96 12.76 -11.10
N HIS B 274 17.05 13.74 -12.00
CA HIS B 274 18.27 14.05 -12.77
C HIS B 274 18.86 12.83 -13.46
N MET B 275 18.06 12.19 -14.31
CA MET B 275 18.47 10.98 -14.99
C MET B 275 18.96 11.22 -16.40
N SER B 276 20.05 10.53 -16.76
CA SER B 276 20.58 10.53 -18.12
C SER B 276 19.72 9.64 -19.01
N ALA B 277 19.81 9.86 -20.32
CA ALA B 277 19.13 9.00 -21.30
C ALA B 277 19.54 7.53 -21.15
N LEU B 278 20.81 7.32 -20.79
CA LEU B 278 21.37 5.99 -20.59
C LEU B 278 20.69 5.25 -19.42
N GLU B 279 20.37 5.99 -18.36
CA GLU B 279 19.66 5.44 -17.22
C GLU B 279 18.16 5.24 -17.51
N LYS B 280 17.61 6.08 -18.40
CA LYS B 280 16.18 6.09 -18.74
C LYS B 280 15.70 4.83 -19.47
N SER B 281 16.62 4.16 -20.15
CA SER B 281 16.30 3.03 -21.03
C SER B 281 15.69 1.83 -20.29
N SER B 282 14.83 1.08 -20.98
CA SER B 282 14.22 -0.14 -20.43
C SER B 282 13.83 -1.17 -21.48
N ARG B 283 13.79 -2.43 -21.08
CA ARG B 283 13.32 -3.50 -21.95
C ARG B 283 12.37 -4.47 -21.24
N ARG B 284 11.57 -3.96 -20.30
CA ARG B 284 10.68 -4.82 -19.51
C ARG B 284 9.55 -5.37 -20.36
N GLU B 285 9.39 -6.69 -20.35
CA GLU B 285 8.38 -7.35 -21.18
C GLU B 285 7.61 -8.41 -20.41
N SER B 286 6.30 -8.48 -20.64
CA SER B 286 5.43 -9.42 -19.93
C SER B 286 4.83 -10.50 -20.83
N TRP B 287 4.59 -11.67 -20.26
CA TRP B 287 4.26 -12.89 -21.00
C TRP B 287 2.89 -12.90 -21.70
N GLY B 288 1.90 -12.27 -21.09
CA GLY B 288 0.53 -12.35 -21.58
C GLY B 288 -0.07 -13.73 -21.40
N HIS B 289 -0.67 -14.25 -22.47
CA HIS B 289 -1.34 -15.57 -22.47
C HIS B 289 -2.42 -15.68 -21.38
N SER B 290 -3.19 -14.60 -21.20
CA SER B 290 -4.27 -14.57 -20.21
C SER B 290 -5.26 -15.68 -20.51
N MET B 291 -5.79 -16.32 -19.48
CA MET B 291 -6.61 -17.49 -19.69
C MET B 291 -7.57 -17.80 -18.56
N VAL B 292 -8.54 -18.67 -18.86
CA VAL B 292 -9.47 -19.22 -17.89
C VAL B 292 -9.36 -20.74 -17.93
N ILE B 293 -9.24 -21.35 -16.76
CA ILE B 293 -9.06 -22.80 -16.66
C ILE B 293 -10.16 -23.37 -15.78
N ASP B 294 -10.73 -24.50 -16.19
CA ASP B 294 -11.80 -25.14 -15.41
C ASP B 294 -11.23 -26.08 -14.33
N PRO B 295 -12.07 -26.56 -13.39
CA PRO B 295 -11.58 -27.38 -12.27
C PRO B 295 -10.92 -28.70 -12.67
N TRP B 296 -11.01 -29.07 -13.95
CA TRP B 296 -10.39 -30.30 -14.47
C TRP B 296 -9.06 -30.02 -15.17
N GLY B 297 -8.71 -28.74 -15.28
CA GLY B 297 -7.45 -28.33 -15.90
C GLY B 297 -7.54 -27.97 -17.37
N LYS B 298 -8.76 -27.92 -17.89
CA LYS B 298 -8.98 -27.57 -19.29
C LYS B 298 -8.97 -26.06 -19.48
N ILE B 299 -8.15 -25.57 -20.40
CA ILE B 299 -8.18 -24.16 -20.75
C ILE B 299 -9.46 -23.91 -21.57
N ILE B 300 -10.35 -23.08 -21.05
CA ILE B 300 -11.64 -22.85 -21.73
C ILE B 300 -11.73 -21.48 -22.44
N ALA B 301 -10.85 -20.57 -22.06
CA ALA B 301 -10.70 -19.28 -22.74
C ALA B 301 -9.23 -18.86 -22.74
N HIS B 302 -8.76 -18.29 -23.85
CA HIS B 302 -7.36 -17.90 -23.97
C HIS B 302 -7.21 -16.61 -24.78
N ALA B 303 -6.34 -15.71 -24.32
CA ALA B 303 -6.03 -14.47 -25.04
C ALA B 303 -5.59 -14.75 -26.47
N ASP B 304 -6.03 -13.90 -27.39
CA ASP B 304 -5.68 -14.03 -28.80
C ASP B 304 -4.26 -13.51 -29.01
N PRO B 305 -3.35 -14.37 -29.52
CA PRO B 305 -1.96 -13.96 -29.74
C PRO B 305 -1.81 -12.94 -30.88
N SER B 306 -2.84 -12.81 -31.71
CA SER B 306 -2.82 -11.86 -32.84
C SER B 306 -3.05 -10.43 -32.40
N THR B 307 -3.75 -10.26 -31.28
CA THR B 307 -4.08 -8.93 -30.76
C THR B 307 -2.90 -8.35 -29.98
N VAL B 308 -2.51 -7.14 -30.37
CA VAL B 308 -1.29 -6.49 -29.88
C VAL B 308 -1.44 -5.78 -28.52
N GLY B 309 -2.53 -5.02 -28.36
CA GLY B 309 -2.72 -4.23 -27.14
C GLY B 309 -3.61 -4.90 -26.12
N PRO B 310 -4.42 -4.10 -25.40
CA PRO B 310 -5.38 -4.67 -24.45
C PRO B 310 -6.44 -5.54 -25.12
N GLN B 311 -6.93 -6.56 -24.40
CA GLN B 311 -8.00 -7.40 -24.88
C GLN B 311 -8.75 -8.05 -23.72
N LEU B 312 -9.94 -8.55 -24.02
CA LEU B 312 -10.77 -9.18 -23.03
C LEU B 312 -11.05 -10.61 -23.49
N ILE B 313 -11.02 -11.54 -22.53
CA ILE B 313 -11.51 -12.89 -22.80
C ILE B 313 -12.69 -13.20 -21.87
N LEU B 314 -13.60 -14.02 -22.38
CA LEU B 314 -14.84 -14.32 -21.68
C LEU B 314 -14.98 -15.80 -21.50
N ALA B 315 -15.65 -16.19 -20.42
CA ALA B 315 -15.97 -17.60 -20.17
C ALA B 315 -17.21 -17.68 -19.31
N ASP B 316 -18.06 -18.65 -19.61
CA ASP B 316 -19.23 -18.94 -18.79
C ASP B 316 -18.87 -20.10 -17.86
N LEU B 317 -18.91 -19.83 -16.56
CA LEU B 317 -18.49 -20.81 -15.55
C LEU B 317 -19.68 -21.64 -15.10
N ASP B 318 -19.42 -22.92 -14.84
CA ASP B 318 -20.49 -23.85 -14.50
C ASP B 318 -20.30 -24.41 -13.09
N ARG B 319 -21.17 -23.96 -12.19
CA ARG B 319 -21.18 -24.43 -10.79
C ARG B 319 -21.36 -25.95 -10.71
N GLU B 320 -22.22 -26.49 -11.56
CA GLU B 320 -22.46 -27.93 -11.62
C GLU B 320 -21.22 -28.75 -11.99
N LEU B 321 -20.37 -28.21 -12.86
CA LEU B 321 -19.13 -28.86 -13.25
C LEU B 321 -18.20 -28.99 -12.04
N LEU B 322 -18.09 -27.89 -11.30
CA LEU B 322 -17.26 -27.83 -10.10
C LEU B 322 -17.75 -28.81 -9.05
N GLN B 323 -19.06 -28.87 -8.84
CA GLN B 323 -19.65 -29.76 -7.84
C GLN B 323 -19.50 -31.22 -8.22
N GLU B 324 -19.66 -31.52 -9.52
CA GLU B 324 -19.54 -32.89 -10.03
C GLU B 324 -18.12 -33.42 -9.84
N ILE B 325 -17.13 -32.64 -10.27
CA ILE B 325 -15.73 -33.00 -10.12
C ILE B 325 -15.36 -33.25 -8.64
N ARG B 326 -15.82 -32.37 -7.76
CA ARG B 326 -15.55 -32.49 -6.33
C ARG B 326 -16.24 -33.71 -5.71
N ASN B 327 -17.43 -34.02 -6.21
CA ASN B 327 -18.16 -35.21 -5.74
C ASN B 327 -17.52 -36.52 -6.21
N LYS B 328 -17.06 -36.54 -7.46
CA LYS B 328 -16.44 -37.75 -8.03
C LYS B 328 -15.04 -38.03 -7.48
N MET B 329 -14.28 -36.98 -7.22
CA MET B 329 -12.95 -37.11 -6.62
C MET B 329 -12.86 -36.24 -5.37
N PRO B 330 -13.39 -36.75 -4.23
CA PRO B 330 -13.53 -35.91 -3.03
C PRO B 330 -12.21 -35.67 -2.28
N LEU B 331 -11.31 -34.93 -2.91
CA LEU B 331 -9.97 -34.66 -2.36
C LEU B 331 -10.01 -34.03 -0.96
N TRP B 332 -10.94 -33.09 -0.75
CA TRP B 332 -11.04 -32.42 0.54
C TRP B 332 -11.75 -33.21 1.64
N ASN B 333 -12.16 -34.43 1.32
CA ASN B 333 -12.57 -35.42 2.31
C ASN B 333 -11.45 -36.43 2.61
N GLN B 334 -10.35 -36.34 1.88
CA GLN B 334 -9.35 -37.42 1.86
C GLN B 334 -7.94 -37.00 2.30
N ARG B 335 -7.80 -35.77 2.79
CA ARG B 335 -6.49 -35.26 3.17
C ARG B 335 -6.05 -35.88 4.48
N ARG B 336 -4.74 -35.91 4.67
CA ARG B 336 -4.17 -36.50 5.88
C ARG B 336 -3.71 -35.43 6.85
N ASP B 337 -4.69 -34.71 7.40
CA ASP B 337 -4.45 -33.65 8.38
C ASP B 337 -3.80 -34.16 9.68
N ASP B 338 -3.87 -35.47 9.92
CA ASP B 338 -3.19 -36.10 11.04
C ASP B 338 -1.67 -36.09 10.87
N LEU B 339 -1.22 -35.87 9.63
CA LEU B 339 0.21 -35.84 9.32
C LEU B 339 0.67 -34.51 8.73
N PHE B 340 -0.20 -33.85 7.97
CA PHE B 340 0.12 -32.58 7.34
C PHE B 340 -0.80 -31.47 7.83
N HIS B 341 -0.31 -30.24 7.80
CA HIS B 341 -1.12 -29.09 8.18
C HIS B 341 -0.63 -27.81 7.51
N LEU C 39 -21.26 46.11 6.08
CA LEU C 39 -20.71 45.53 7.35
C LEU C 39 -21.76 44.73 8.11
N LYS C 40 -21.35 43.58 8.65
CA LYS C 40 -22.24 42.76 9.48
C LYS C 40 -21.53 42.46 10.79
N ARG C 41 -22.26 42.58 11.89
CA ARG C 41 -21.66 42.50 13.22
C ARG C 41 -21.75 41.11 13.84
N VAL C 42 -20.60 40.60 14.26
CA VAL C 42 -20.51 39.31 14.95
C VAL C 42 -20.16 39.51 16.42
N ALA C 43 -20.66 38.61 17.26
CA ALA C 43 -20.25 38.56 18.66
C ALA C 43 -19.60 37.22 18.95
N VAL C 44 -18.46 37.25 19.62
CA VAL C 44 -17.78 36.04 20.04
C VAL C 44 -17.72 35.98 21.56
N ALA C 45 -18.28 34.92 22.13
CA ALA C 45 -18.39 34.74 23.58
C ALA C 45 -17.26 33.92 24.18
N GLN C 46 -16.78 34.39 25.32
CA GLN C 46 -15.84 33.69 26.16
C GLN C 46 -16.53 33.41 27.49
N LEU C 47 -16.49 32.16 27.94
CA LEU C 47 -17.10 31.77 29.22
C LEU C 47 -16.32 30.67 29.94
N CYS C 48 -16.88 30.16 31.03
CA CYS C 48 -16.18 29.17 31.85
C CYS C 48 -17.19 28.16 32.39
N SER C 49 -17.41 27.09 31.64
CA SER C 49 -18.41 26.09 32.00
C SER C 49 -18.06 25.39 33.31
N SER C 50 -19.07 25.23 34.16
CA SER C 50 -19.00 24.33 35.32
C SER C 50 -19.68 23.01 34.90
N ALA C 51 -19.99 22.15 35.86
CA ALA C 51 -20.74 20.92 35.57
C ALA C 51 -22.25 21.13 35.75
N ASP C 52 -22.63 22.34 36.16
CA ASP C 52 -24.01 22.69 36.45
C ASP C 52 -24.64 23.28 35.18
N LEU C 53 -25.46 22.48 34.52
CA LEU C 53 -26.10 22.89 33.27
C LEU C 53 -27.06 24.07 33.46
N THR C 54 -27.74 24.11 34.61
CA THR C 54 -28.64 25.21 34.95
C THR C 54 -27.88 26.54 35.06
N LYS C 55 -26.76 26.53 35.79
CA LYS C 55 -25.93 27.73 35.96
C LYS C 55 -25.27 28.14 34.64
N ASN C 56 -24.80 27.16 33.88
CA ASN C 56 -24.24 27.40 32.55
C ASN C 56 -25.23 28.03 31.57
N LEU C 57 -26.47 27.55 31.58
CA LEU C 57 -27.54 28.10 30.74
C LEU C 57 -27.84 29.58 31.06
N LYS C 58 -27.84 29.93 32.35
CA LYS C 58 -28.02 31.32 32.76
C LYS C 58 -26.96 32.24 32.14
N VAL C 59 -25.70 31.79 32.16
CA VAL C 59 -24.58 32.57 31.61
C VAL C 59 -24.70 32.71 30.10
N VAL C 60 -25.04 31.59 29.43
CA VAL C 60 -25.26 31.56 27.99
C VAL C 60 -26.37 32.53 27.58
N LYS C 61 -27.49 32.50 28.32
CA LYS C 61 -28.61 33.41 28.06
C LYS C 61 -28.22 34.87 28.24
N GLU C 62 -27.44 35.16 29.30
CA GLU C 62 -26.96 36.52 29.55
C GLU C 62 -26.07 37.03 28.42
N LEU C 63 -25.20 36.17 27.90
CA LEU C 63 -24.30 36.53 26.80
C LEU C 63 -25.05 36.77 25.49
N ILE C 64 -26.08 35.95 25.22
CA ILE C 64 -26.91 36.14 24.03
C ILE C 64 -27.70 37.43 24.14
N SER C 65 -28.23 37.70 25.34
CA SER C 65 -28.91 38.96 25.61
C SER C 65 -27.99 40.15 25.37
N GLU C 66 -26.76 40.06 25.89
CA GLU C 66 -25.76 41.12 25.72
C GLU C 66 -25.40 41.33 24.26
N ALA C 67 -25.33 40.23 23.50
CA ALA C 67 -25.02 40.29 22.08
C ALA C 67 -26.11 41.02 21.28
N ILE C 68 -27.37 40.73 21.61
CA ILE C 68 -28.50 41.46 21.02
C ILE C 68 -28.44 42.96 21.35
N GLN C 69 -28.11 43.30 22.59
CA GLN C 69 -27.99 44.72 23.00
C GLN C 69 -26.97 45.45 22.14
N LYS C 70 -25.88 44.74 21.82
CA LYS C 70 -24.77 45.31 21.05
C LYS C 70 -24.97 45.22 19.54
N LYS C 71 -26.14 44.73 19.13
CA LYS C 71 -26.56 44.68 17.72
C LYS C 71 -25.74 43.69 16.88
N ALA C 72 -25.32 42.60 17.49
CA ALA C 72 -24.67 41.50 16.76
C ALA C 72 -25.73 40.65 16.08
N ASP C 73 -25.45 40.22 14.86
CA ASP C 73 -26.41 39.45 14.06
C ASP C 73 -26.30 37.95 14.30
N VAL C 74 -25.11 37.51 14.71
CA VAL C 74 -24.88 36.13 15.15
C VAL C 74 -23.91 36.20 16.33
N VAL C 75 -24.15 35.35 17.32
CA VAL C 75 -23.23 35.18 18.45
C VAL C 75 -22.68 33.75 18.47
N PHE C 76 -21.36 33.64 18.65
CA PHE C 76 -20.67 32.36 18.66
C PHE C 76 -20.12 32.03 20.05
N LEU C 77 -20.59 30.92 20.62
CA LEU C 77 -20.17 30.47 21.94
C LEU C 77 -19.28 29.22 21.86
N PRO C 78 -18.42 28.99 22.90
CA PRO C 78 -17.39 27.95 22.83
C PRO C 78 -17.91 26.52 22.81
N GLU C 79 -16.97 25.59 22.62
CA GLU C 79 -17.20 24.17 22.82
C GLU C 79 -17.67 23.93 24.26
N ALA C 80 -18.54 22.94 24.44
CA ALA C 80 -18.98 22.52 25.77
C ALA C 80 -19.57 23.66 26.62
N SER C 81 -20.43 24.46 26.00
CA SER C 81 -21.13 25.54 26.71
C SER C 81 -22.26 25.02 27.62
N ASP C 82 -22.68 23.77 27.42
CA ASP C 82 -23.67 23.15 28.32
C ASP C 82 -23.05 22.61 29.62
N TYR C 83 -21.91 21.95 29.51
CA TYR C 83 -21.16 21.46 30.67
C TYR C 83 -19.73 21.03 30.31
N LEU C 84 -18.88 20.96 31.32
CA LEU C 84 -17.63 20.18 31.25
C LEU C 84 -17.67 19.17 32.40
N SER C 85 -17.13 17.97 32.18
CA SER C 85 -17.27 16.87 33.14
C SER C 85 -15.94 16.43 33.74
N GLN C 86 -16.02 15.67 34.84
CA GLN C 86 -14.83 15.17 35.52
C GLN C 86 -14.19 13.98 34.79
N ASN C 87 -15.03 13.10 34.27
CA ASN C 87 -14.57 11.89 33.58
C ASN C 87 -15.63 11.37 32.60
N PRO C 88 -15.31 10.29 31.85
CA PRO C 88 -16.24 9.68 30.89
C PRO C 88 -17.60 9.31 31.50
N LEU C 89 -17.59 8.82 32.74
CA LEU C 89 -18.84 8.43 33.40
C LEU C 89 -19.68 9.63 33.81
N HIS C 90 -19.01 10.72 34.20
CA HIS C 90 -19.69 11.97 34.53
C HIS C 90 -20.31 12.58 33.27
N SER C 91 -19.55 12.57 32.19
CA SER C 91 -20.04 13.08 30.90
C SER C 91 -21.31 12.37 30.44
N ARG C 92 -21.34 11.04 30.54
CA ARG C 92 -22.51 10.25 30.17
C ARG C 92 -23.74 10.62 31.00
N TYR C 93 -23.51 10.86 32.29
CA TYR C 93 -24.53 11.32 33.21
C TYR C 93 -25.05 12.70 32.84
N LEU C 94 -24.13 13.62 32.56
CA LEU C 94 -24.50 15.01 32.24
C LEU C 94 -25.14 15.15 30.86
N ALA C 95 -24.71 14.33 29.90
CA ALA C 95 -25.29 14.33 28.56
C ALA C 95 -26.80 14.05 28.53
N GLN C 96 -27.28 13.24 29.48
CA GLN C 96 -28.71 12.95 29.62
C GLN C 96 -29.53 14.21 29.89
N LYS C 97 -28.88 15.22 30.47
CA LYS C 97 -29.52 16.48 30.83
C LYS C 97 -29.42 17.52 29.70
N SER C 98 -28.58 17.23 28.71
CA SER C 98 -28.34 18.15 27.60
C SER C 98 -29.55 18.45 26.70
N PRO C 99 -30.39 17.44 26.37
CA PRO C 99 -31.57 17.75 25.55
C PRO C 99 -32.50 18.80 26.16
N LYS C 100 -32.68 18.77 27.47
CA LYS C 100 -33.49 19.77 28.17
C LYS C 100 -32.83 21.15 28.07
N PHE C 101 -31.52 21.20 28.28
CA PHE C 101 -30.73 22.43 28.12
C PHE C 101 -30.96 23.05 26.73
N ILE C 102 -30.88 22.22 25.70
CA ILE C 102 -31.04 22.69 24.31
C ILE C 102 -32.46 23.22 24.06
N ARG C 103 -33.46 22.47 24.52
CA ARG C 103 -34.87 22.88 24.37
C ARG C 103 -35.18 24.20 25.09
N GLN C 104 -34.65 24.35 26.30
CA GLN C 104 -34.80 25.60 27.06
C GLN C 104 -34.06 26.77 26.40
N LEU C 105 -32.92 26.47 25.78
CA LEU C 105 -32.18 27.48 25.04
C LEU C 105 -32.93 27.94 23.79
N GLN C 106 -33.54 26.99 23.08
CA GLN C 106 -34.35 27.33 21.92
C GLN C 106 -35.45 28.32 22.29
N SER C 107 -36.17 28.02 23.38
CA SER C 107 -37.19 28.93 23.92
C SER C 107 -36.61 30.27 24.36
N SER C 108 -35.45 30.24 25.02
CA SER C 108 -34.78 31.45 25.50
C SER C 108 -34.38 32.38 24.35
N ILE C 109 -33.94 31.80 23.24
CA ILE C 109 -33.57 32.56 22.04
C ILE C 109 -34.77 33.29 21.44
N THR C 110 -35.89 32.59 21.26
CA THR C 110 -37.11 33.22 20.73
C THR C 110 -37.64 34.29 21.71
N ASP C 111 -37.48 34.04 23.01
CA ASP C 111 -37.87 35.01 24.05
C ASP C 111 -37.03 36.29 23.99
N LEU C 112 -35.71 36.14 23.93
CA LEU C 112 -34.80 37.28 23.84
C LEU C 112 -35.01 38.09 22.55
N VAL C 113 -35.15 37.39 21.42
CA VAL C 113 -35.40 38.05 20.14
C VAL C 113 -36.71 38.84 20.16
N ARG C 114 -37.77 38.22 20.67
CA ARG C 114 -39.08 38.85 20.80
C ARG C 114 -39.02 40.06 21.75
N ASP C 115 -38.43 39.85 22.94
CA ASP C 115 -38.36 40.93 23.94
C ASP C 115 -37.56 42.13 23.45
N ASN C 116 -36.43 41.87 22.79
CA ASN C 116 -35.56 42.92 22.29
C ASN C 116 -35.95 43.47 20.92
N SER C 117 -36.89 42.80 20.25
CA SER C 117 -37.32 43.14 18.89
C SER C 117 -36.17 43.16 17.90
N ARG C 118 -35.24 42.24 18.07
CA ARG C 118 -34.11 42.12 17.16
C ARG C 118 -33.69 40.67 17.00
N ASN C 119 -33.50 40.27 15.75
CA ASN C 119 -33.04 38.92 15.41
C ASN C 119 -31.57 38.68 15.75
N ILE C 120 -31.30 37.46 16.22
CA ILE C 120 -29.93 36.96 16.34
C ILE C 120 -29.93 35.45 16.10
N ASP C 121 -28.84 34.97 15.52
CA ASP C 121 -28.60 33.54 15.37
C ASP C 121 -27.55 33.13 16.39
N VAL C 122 -27.57 31.87 16.79
CA VAL C 122 -26.66 31.37 17.82
C VAL C 122 -25.89 30.13 17.35
N SER C 123 -24.56 30.21 17.43
CA SER C 123 -23.69 29.05 17.25
C SER C 123 -23.13 28.68 18.62
N ILE C 124 -23.37 27.44 19.04
CA ILE C 124 -23.04 27.00 20.40
C ILE C 124 -22.65 25.52 20.50
N GLY C 125 -21.54 25.26 21.19
CA GLY C 125 -21.09 23.90 21.44
C GLY C 125 -21.81 23.27 22.63
N VAL C 126 -22.39 22.09 22.39
CA VAL C 126 -23.07 21.33 23.45
C VAL C 126 -22.70 19.85 23.37
N HIS C 127 -23.33 19.03 24.20
CA HIS C 127 -23.20 17.59 24.10
C HIS C 127 -24.55 16.97 23.79
N LEU C 128 -24.53 15.80 23.18
CA LEU C 128 -25.75 14.99 23.07
C LEU C 128 -25.46 13.57 23.52
N PRO C 129 -26.41 12.95 24.24
CA PRO C 129 -26.20 11.57 24.65
C PRO C 129 -26.28 10.65 23.42
N PRO C 130 -25.75 9.42 23.54
CA PRO C 130 -25.92 8.44 22.46
C PRO C 130 -27.41 8.23 22.16
N SER C 131 -27.74 8.02 20.88
CA SER C 131 -29.11 7.71 20.48
C SER C 131 -29.46 6.27 20.88
N GLU C 132 -30.74 5.92 20.77
CA GLU C 132 -31.17 4.54 21.03
C GLU C 132 -30.37 3.58 20.15
N GLN C 133 -30.26 3.91 18.87
CA GLN C 133 -29.54 3.09 17.89
C GLN C 133 -28.06 2.95 18.23
N ASP C 134 -27.45 4.04 18.69
CA ASP C 134 -26.04 4.03 19.13
C ASP C 134 -25.80 2.97 20.19
N LEU C 135 -26.68 2.94 21.19
CA LEU C 135 -26.56 1.99 22.30
C LEU C 135 -26.68 0.55 21.82
N LEU C 136 -27.67 0.29 20.97
CA LEU C 136 -27.90 -1.04 20.40
C LEU C 136 -26.71 -1.51 19.57
N GLU C 137 -26.03 -0.55 18.94
CA GLU C 137 -24.86 -0.84 18.12
C GLU C 137 -23.55 -0.85 18.90
N GLY C 138 -23.64 -0.71 20.23
CA GLY C 138 -22.47 -0.76 21.11
C GLY C 138 -21.66 0.51 21.16
N ASN C 139 -22.25 1.63 20.74
CA ASN C 139 -21.59 2.93 20.79
C ASN C 139 -22.17 3.80 21.90
N ASP C 140 -21.76 3.52 23.13
CA ASP C 140 -22.26 4.23 24.30
C ASP C 140 -21.39 5.44 24.61
N ARG C 141 -21.24 6.31 23.63
CA ARG C 141 -20.45 7.53 23.78
C ARG C 141 -21.28 8.77 23.46
N VAL C 142 -20.97 9.87 24.14
CA VAL C 142 -21.68 11.13 23.92
C VAL C 142 -21.19 11.80 22.64
N ARG C 143 -22.01 12.70 22.11
CA ARG C 143 -21.67 13.43 20.90
C ARG C 143 -21.24 14.85 21.26
N ASN C 144 -20.13 15.30 20.68
CA ASN C 144 -19.67 16.66 20.87
C ASN C 144 -20.14 17.47 19.67
N VAL C 145 -21.16 18.28 19.88
CA VAL C 145 -21.90 18.86 18.76
C VAL C 145 -21.90 20.38 18.77
N LEU C 146 -21.74 21.00 17.60
CA LEU C 146 -21.90 22.43 17.44
C LEU C 146 -23.25 22.74 16.79
N LEU C 147 -24.13 23.38 17.55
CA LEU C 147 -25.47 23.73 17.07
C LEU C 147 -25.49 25.11 16.45
N TYR C 148 -26.18 25.20 15.32
CA TYR C 148 -26.56 26.49 14.76
C TYR C 148 -28.06 26.69 14.93
N ILE C 149 -28.42 27.66 15.75
CA ILE C 149 -29.81 27.93 16.08
C ILE C 149 -30.17 29.34 15.60
N ASP C 150 -31.19 29.43 14.75
CA ASP C 150 -31.57 30.72 14.19
C ASP C 150 -32.53 31.51 15.09
N HIS C 151 -32.88 32.72 14.67
CA HIS C 151 -33.76 33.62 15.44
C HIS C 151 -35.15 33.05 15.75
N GLU C 152 -35.56 32.03 15.01
CA GLU C 152 -36.82 31.33 15.25
C GLU C 152 -36.65 30.18 16.26
N GLY C 153 -35.43 30.02 16.75
CA GLY C 153 -35.12 28.95 17.69
C GLY C 153 -34.99 27.59 17.02
N LYS C 154 -34.89 27.60 15.69
CA LYS C 154 -34.76 26.36 14.92
C LYS C 154 -33.29 25.97 14.79
N ILE C 155 -33.00 24.69 15.06
CA ILE C 155 -31.68 24.13 14.83
C ILE C 155 -31.49 23.86 13.33
N LEU C 156 -30.60 24.63 12.70
CA LEU C 156 -30.34 24.50 11.27
C LEU C 156 -29.21 23.51 10.97
N GLN C 157 -28.37 23.26 11.97
CA GLN C 157 -27.22 22.35 11.82
C GLN C 157 -26.80 21.75 13.15
N GLU C 158 -26.46 20.46 13.09
CA GLU C 158 -25.91 19.74 14.23
CA GLU C 158 -25.93 19.72 14.22
C GLU C 158 -24.58 19.11 13.81
N TYR C 159 -23.50 19.86 13.99
CA TYR C 159 -22.18 19.36 13.57
C TYR C 159 -21.51 18.55 14.68
N GLN C 160 -21.24 17.28 14.37
CA GLN C 160 -20.55 16.39 15.32
C GLN C 160 -19.05 16.39 15.06
N LYS C 161 -18.29 16.77 16.09
CA LYS C 161 -16.82 16.88 16.06
C LYS C 161 -16.14 15.68 15.38
N LEU C 162 -15.35 15.98 14.35
CA LEU C 162 -14.69 14.96 13.53
C LEU C 162 -13.36 14.48 14.08
N HIS C 163 -12.58 15.39 14.65
CA HIS C 163 -11.24 15.07 15.17
C HIS C 163 -11.24 15.21 16.68
N LEU C 164 -11.07 14.08 17.38
CA LEU C 164 -11.21 14.06 18.84
C LEU C 164 -9.87 14.20 19.53
N PHE C 165 -9.87 14.96 20.64
CA PHE C 165 -8.67 15.34 21.34
C PHE C 165 -8.07 14.20 22.19
N ASP C 166 -7.26 13.38 21.52
CA ASP C 166 -6.54 12.27 22.17
C ASP C 166 -5.04 12.63 22.20
N VAL C 167 -4.64 13.32 23.25
CA VAL C 167 -3.32 13.96 23.30
C VAL C 167 -2.70 13.87 24.69
N ASP C 168 -1.38 13.59 24.72
CA ASP C 168 -0.57 13.77 25.92
C ASP C 168 -0.05 15.21 25.89
N VAL C 169 -0.67 16.07 26.69
CA VAL C 169 -0.32 17.48 26.71
C VAL C 169 1.05 17.66 27.38
N PRO C 170 2.00 18.31 26.66
CA PRO C 170 3.33 18.59 27.19
C PRO C 170 3.26 19.48 28.43
N ASN C 171 3.86 19.01 29.51
CA ASN C 171 3.81 19.68 30.82
C ASN C 171 2.39 19.82 31.37
N GLY C 172 1.51 18.92 30.96
CA GLY C 172 0.12 18.87 31.41
C GLY C 172 -0.40 17.44 31.50
N PRO C 173 -1.74 17.27 31.50
CA PRO C 173 -2.34 15.95 31.67
C PRO C 173 -2.43 15.12 30.39
N ILE C 174 -2.70 13.82 30.54
CA ILE C 174 -2.94 12.94 29.41
C ILE C 174 -4.45 12.84 29.19
N LEU C 175 -4.90 13.35 28.05
CA LEU C 175 -6.33 13.41 27.72
C LEU C 175 -6.69 12.49 26.55
N LYS C 176 -7.83 11.81 26.69
CA LYS C 176 -8.35 10.95 25.63
C LYS C 176 -9.86 11.13 25.47
N GLU C 177 -10.24 12.06 24.59
CA GLU C 177 -11.65 12.40 24.36
C GLU C 177 -12.49 11.22 23.84
N SER C 178 -11.87 10.39 23.00
CA SER C 178 -12.56 9.25 22.39
C SER C 178 -12.99 8.16 23.39
N LYS C 179 -12.56 8.29 24.64
CA LYS C 179 -13.03 7.40 25.72
C LYS C 179 -14.49 7.67 26.07
N SER C 180 -14.93 8.91 25.87
CA SER C 180 -16.30 9.28 26.22
C SER C 180 -17.10 9.82 25.03
N VAL C 181 -16.41 10.15 23.95
CA VAL C 181 -17.02 10.85 22.82
C VAL C 181 -16.88 10.07 21.52
N GLN C 182 -17.96 10.03 20.74
CA GLN C 182 -17.96 9.41 19.42
C GLN C 182 -17.67 10.45 18.33
N PRO C 183 -16.75 10.13 17.40
CA PRO C 183 -16.44 11.07 16.32
C PRO C 183 -17.57 11.18 15.29
N GLY C 184 -17.65 12.34 14.64
CA GLY C 184 -18.67 12.62 13.63
C GLY C 184 -18.47 11.83 12.35
N LYS C 185 -19.49 11.84 11.50
CA LYS C 185 -19.50 11.05 10.27
C LYS C 185 -19.57 11.92 9.01
N ALA C 186 -19.79 13.22 9.20
CA ALA C 186 -20.06 14.12 8.07
C ALA C 186 -19.30 15.44 8.10
N ILE C 187 -18.92 15.90 6.92
CA ILE C 187 -18.49 17.29 6.74
C ILE C 187 -19.76 18.16 6.86
N PRO C 188 -19.70 19.20 7.71
CA PRO C 188 -20.86 20.08 7.86
C PRO C 188 -21.05 20.98 6.64
N ASP C 189 -22.30 21.13 6.20
CA ASP C 189 -22.63 22.04 5.11
C ASP C 189 -22.33 23.48 5.47
N ILE C 190 -22.06 24.29 4.46
CA ILE C 190 -21.93 25.72 4.65
C ILE C 190 -23.30 26.28 5.06
N ILE C 191 -23.31 27.15 6.05
CA ILE C 191 -24.55 27.79 6.50
C ILE C 191 -24.60 29.20 5.94
N GLU C 192 -25.70 29.51 5.26
CA GLU C 192 -25.97 30.87 4.79
C GLU C 192 -26.41 31.73 5.97
N SER C 193 -25.44 32.19 6.75
CA SER C 193 -25.71 33.00 7.95
C SER C 193 -25.98 34.46 7.58
N PRO C 194 -26.55 35.24 8.52
CA PRO C 194 -26.70 36.69 8.33
C PRO C 194 -25.38 37.44 8.05
N LEU C 195 -24.25 36.85 8.47
CA LEU C 195 -22.93 37.44 8.24
C LEU C 195 -22.33 37.02 6.90
N GLY C 196 -22.84 35.92 6.36
CA GLY C 196 -22.31 35.35 5.12
C GLY C 196 -22.13 33.85 5.24
N LYS C 197 -21.35 33.28 4.32
CA LYS C 197 -21.17 31.83 4.24
C LYS C 197 -20.25 31.31 5.35
N LEU C 198 -20.85 30.53 6.25
CA LEU C 198 -20.16 30.07 7.45
C LEU C 198 -19.77 28.60 7.35
N GLY C 199 -18.49 28.31 7.62
CA GLY C 199 -18.01 26.94 7.77
C GLY C 199 -17.79 26.68 9.24
N SER C 200 -18.22 25.52 9.72
CA SER C 200 -18.18 25.22 11.14
C SER C 200 -17.22 24.09 11.52
N ALA C 201 -16.59 24.25 12.69
CA ALA C 201 -15.65 23.26 13.21
C ALA C 201 -15.56 23.36 14.72
N ILE C 202 -15.01 22.31 15.35
CA ILE C 202 -14.85 22.28 16.80
C ILE C 202 -13.35 22.11 17.22
N CYS C 203 -12.77 23.04 17.91
CA CYS C 203 -11.59 22.84 18.61
C CYS C 203 -10.42 22.06 18.02
N TYR C 204 -9.92 20.96 18.46
CA TYR C 204 -8.98 20.17 17.69
C TYR C 204 -9.05 20.10 16.13
N ASP C 205 -10.24 20.21 15.63
CA ASP C 205 -10.48 20.31 14.17
C ASP C 205 -9.54 21.31 13.52
N ILE C 206 -9.23 22.39 14.24
CA ILE C 206 -8.36 23.48 13.75
C ILE C 206 -6.98 23.00 13.27
N ARG C 207 -6.50 21.89 13.83
CA ARG C 207 -5.15 21.42 13.54
C ARG C 207 -5.00 20.65 12.24
N PHE C 208 -6.12 20.32 11.61
CA PHE C 208 -6.13 19.54 10.37
C PHE C 208 -6.51 20.46 9.21
N PRO C 209 -5.50 21.01 8.51
CA PRO C 209 -5.75 22.08 7.54
C PRO C 209 -6.67 21.67 6.38
N GLU C 210 -6.63 20.40 6.00
CA GLU C 210 -7.50 19.89 4.92
C GLU C 210 -9.00 20.19 5.15
N PHE C 211 -9.41 20.20 6.42
CA PHE C 211 -10.79 20.47 6.81
C PHE C 211 -11.18 21.91 6.50
N SER C 212 -10.38 22.86 6.95
CA SER C 212 -10.60 24.28 6.65
C SER C 212 -10.49 24.57 5.15
N LEU C 213 -9.56 23.91 4.48
CA LEU C 213 -9.41 24.06 3.02
C LEU C 213 -10.65 23.59 2.28
N LYS C 214 -11.23 22.49 2.73
CA LYS C 214 -12.43 21.93 2.12
C LYS C 214 -13.62 22.86 2.34
N LEU C 215 -13.78 23.40 3.54
CA LEU C 215 -14.84 24.37 3.84
C LEU C 215 -14.76 25.61 2.96
N ARG C 216 -13.55 26.12 2.72
CA ARG C 216 -13.36 27.23 1.77
C ARG C 216 -13.74 26.81 0.34
N SER C 217 -13.33 25.62 -0.07
CA SER C 217 -13.69 25.09 -1.39
C SER C 217 -15.22 24.96 -1.55
N MET C 218 -15.89 24.68 -0.44
CA MET C 218 -17.34 24.59 -0.41
C MET C 218 -18.01 25.96 -0.43
N GLY C 219 -17.24 27.02 -0.18
CA GLY C 219 -17.74 28.38 -0.29
C GLY C 219 -17.66 29.26 0.95
N ALA C 220 -17.00 28.77 2.00
CA ALA C 220 -16.92 29.50 3.26
C ALA C 220 -16.29 30.89 3.10
N GLU C 221 -16.84 31.86 3.83
CA GLU C 221 -16.29 33.21 3.94
C GLU C 221 -15.83 33.43 5.37
N ILE C 222 -16.43 32.66 6.27
CA ILE C 222 -16.18 32.75 7.71
C ILE C 222 -16.03 31.32 8.25
N LEU C 223 -15.05 31.12 9.11
CA LEU C 223 -14.88 29.85 9.83
C LEU C 223 -14.92 30.09 11.33
N CYS C 224 -15.46 29.13 12.07
CA CYS C 224 -15.45 29.21 13.54
C CYS C 224 -14.82 27.97 14.18
N PHE C 225 -14.08 28.19 15.26
CA PHE C 225 -13.48 27.10 16.02
C PHE C 225 -13.79 27.19 17.52
N PRO C 226 -15.08 26.99 17.90
CA PRO C 226 -15.40 26.98 19.33
C PRO C 226 -14.60 25.91 20.07
N SER C 227 -14.01 26.28 21.20
CA SER C 227 -13.00 25.47 21.85
C SER C 227 -13.00 25.49 23.38
N ALA C 228 -12.64 24.36 23.97
CA ALA C 228 -12.08 24.29 25.31
C ALA C 228 -10.59 23.91 25.15
N PHE C 229 -9.73 24.91 25.04
CA PHE C 229 -8.33 24.72 24.67
C PHE C 229 -7.46 24.71 25.92
N THR C 230 -6.48 23.80 25.97
CA THR C 230 -5.59 23.69 27.12
C THR C 230 -4.66 24.90 27.23
N ILE C 231 -4.11 25.14 28.42
CA ILE C 231 -3.18 26.25 28.66
C ILE C 231 -1.87 26.06 27.90
N LYS C 232 -1.28 24.88 28.04
CA LYS C 232 0.04 24.59 27.47
C LYS C 232 0.05 24.61 25.93
N THR C 233 -0.98 24.06 25.30
CA THR C 233 -1.08 24.13 23.84
C THR C 233 -1.63 25.49 23.40
N GLY C 234 -2.45 26.10 24.25
CA GLY C 234 -2.99 27.44 23.98
C GLY C 234 -1.92 28.51 23.91
N GLU C 235 -1.03 28.53 24.91
CA GLU C 235 0.06 29.51 24.96
C GLU C 235 0.97 29.35 23.74
N ALA C 236 1.10 28.11 23.28
CA ALA C 236 1.92 27.77 22.14
C ALA C 236 1.25 28.09 20.80
N HIS C 237 0.02 27.63 20.62
CA HIS C 237 -0.57 27.53 19.27
C HIS C 237 -1.91 28.23 18.98
N TRP C 238 -2.62 28.67 20.02
CA TRP C 238 -3.98 29.21 19.82
C TRP C 238 -4.03 30.34 18.79
N GLU C 239 -3.25 31.39 19.02
CA GLU C 239 -3.21 32.53 18.11
C GLU C 239 -2.65 32.12 16.76
N LEU C 240 -1.56 31.35 16.79
CA LEU C 240 -0.88 30.90 15.59
C LEU C 240 -1.82 30.15 14.65
N LEU C 241 -2.53 29.16 15.19
CA LEU C 241 -3.45 28.33 14.42
C LEU C 241 -4.63 29.11 13.85
N GLY C 242 -5.17 30.04 14.63
CA GLY C 242 -6.29 30.87 14.18
C GLY C 242 -5.89 31.74 13.00
N ARG C 243 -4.79 32.47 13.17
CA ARG C 243 -4.26 33.34 12.11
C ARG C 243 -3.88 32.55 10.86
N ALA C 244 -3.30 31.35 11.05
CA ALA C 244 -2.90 30.48 9.96
C ALA C 244 -4.08 30.04 9.12
N ARG C 245 -5.13 29.52 9.77
CA ARG C 245 -6.35 29.11 9.05
C ARG C 245 -6.98 30.28 8.30
N ALA C 246 -6.99 31.46 8.91
CA ALA C 246 -7.51 32.66 8.25
C ALA C 246 -6.72 32.99 6.98
N VAL C 247 -5.40 32.96 7.11
CA VAL C 247 -4.52 33.27 5.98
C VAL C 247 -4.57 32.15 4.94
N ASP C 248 -4.59 30.89 5.41
CA ASP C 248 -4.72 29.70 4.54
C ASP C 248 -5.94 29.75 3.62
N THR C 249 -7.05 30.26 4.16
CA THR C 249 -8.38 30.13 3.51
C THR C 249 -8.96 31.45 3.03
N GLN C 250 -8.32 32.57 3.38
CA GLN C 250 -8.82 33.91 3.10
C GLN C 250 -10.25 34.07 3.61
N CYS C 251 -10.43 33.62 4.86
CA CYS C 251 -11.70 33.71 5.56
C CYS C 251 -11.50 34.48 6.85
N TYR C 252 -12.58 35.13 7.30
CA TYR C 252 -12.66 35.59 8.67
C TYR C 252 -12.68 34.36 9.56
N VAL C 253 -11.95 34.40 10.67
CA VAL C 253 -11.91 33.28 11.60
C VAL C 253 -12.37 33.73 12.99
N LEU C 254 -13.31 32.98 13.54
CA LEU C 254 -13.88 33.27 14.86
C LEU C 254 -13.42 32.21 15.84
N MET C 255 -12.94 32.67 17.00
CA MET C 255 -12.35 31.78 17.97
C MET C 255 -12.97 31.97 19.34
N PRO C 256 -14.13 31.33 19.60
CA PRO C 256 -14.75 31.40 20.92
C PRO C 256 -14.15 30.36 21.84
N GLY C 257 -13.56 30.80 22.96
CA GLY C 257 -12.89 29.87 23.86
C GLY C 257 -13.37 29.90 25.31
N GLN C 258 -13.35 28.73 25.94
CA GLN C 258 -13.44 28.62 27.40
C GLN C 258 -12.22 29.33 28.02
N VAL C 259 -12.40 29.90 29.21
CA VAL C 259 -11.31 30.61 29.90
C VAL C 259 -11.23 30.27 31.39
N GLY C 260 -10.02 30.30 31.93
CA GLY C 260 -9.80 30.27 33.38
C GLY C 260 -9.93 28.91 34.04
N MET C 261 -10.00 28.92 35.37
CA MET C 261 -10.09 27.68 36.13
C MET C 261 -11.53 27.26 36.33
N HIS C 262 -11.81 26.02 35.95
CA HIS C 262 -13.14 25.44 36.07
C HIS C 262 -13.26 24.70 37.39
N ASP C 263 -14.46 24.75 37.97
CA ASP C 263 -14.83 23.87 39.06
C ASP C 263 -15.92 22.95 38.55
N LEU C 264 -15.56 21.69 38.35
CA LEU C 264 -16.48 20.71 37.78
C LEU C 264 -17.12 19.84 38.85
N SER C 265 -17.14 20.37 40.09
CA SER C 265 -17.79 19.72 41.23
C SER C 265 -19.27 19.44 40.97
N ASP C 266 -19.72 18.30 41.46
CA ASP C 266 -21.09 17.86 41.27
C ASP C 266 -21.45 16.90 42.42
N PRO C 267 -21.77 17.46 43.61
CA PRO C 267 -22.08 16.65 44.79
C PRO C 267 -23.11 15.54 44.53
N GLU C 268 -24.19 15.86 43.82
CA GLU C 268 -25.25 14.89 43.53
C GLU C 268 -24.72 13.68 42.75
N TRP C 269 -23.95 13.93 41.70
CA TRP C 269 -23.34 12.85 40.92
C TRP C 269 -22.30 12.06 41.74
N GLU C 270 -21.48 12.78 42.49
CA GLU C 270 -20.43 12.19 43.32
C GLU C 270 -20.98 11.24 44.38
N LYS C 271 -22.15 11.58 44.92
CA LYS C 271 -22.88 10.71 45.85
C LYS C 271 -23.42 9.48 45.16
N GLN C 272 -24.11 9.68 44.03
CA GLN C 272 -24.77 8.60 43.29
C GLN C 272 -23.79 7.53 42.79
N SER C 273 -22.62 7.96 42.33
CA SER C 273 -21.59 7.05 41.86
C SER C 273 -20.68 6.52 42.97
N HIS C 274 -21.00 6.89 44.22
CA HIS C 274 -20.26 6.47 45.42
C HIS C 274 -18.75 6.71 45.31
N MET C 275 -18.40 7.93 44.89
CA MET C 275 -17.02 8.29 44.60
C MET C 275 -16.28 8.72 45.86
N SER C 276 -15.03 8.27 46.00
CA SER C 276 -14.15 8.75 47.06
C SER C 276 -13.51 10.07 46.62
N ALA C 277 -13.20 10.92 47.60
CA ALA C 277 -12.62 12.23 47.34
C ALA C 277 -11.29 12.17 46.59
N LEU C 278 -10.55 11.07 46.77
CA LEU C 278 -9.27 10.86 46.09
C LEU C 278 -9.38 10.61 44.58
N GLU C 279 -10.56 10.17 44.13
CA GLU C 279 -10.80 9.88 42.71
C GLU C 279 -11.39 11.08 41.96
N LYS C 280 -11.72 12.14 42.69
CA LYS C 280 -12.32 13.35 42.13
C LYS C 280 -11.32 14.09 41.24
N SER C 281 -11.79 14.52 40.06
CA SER C 281 -10.96 15.28 39.12
C SER C 281 -11.74 16.49 38.60
N SER C 282 -11.93 17.48 39.47
CA SER C 282 -12.83 18.58 39.19
C SER C 282 -12.16 19.86 38.70
N ARG C 283 -10.82 19.88 38.68
CA ARG C 283 -10.08 21.04 38.18
C ARG C 283 -9.74 20.92 36.70
N ARG C 284 -9.96 22.01 35.98
CA ARG C 284 -9.57 22.13 34.59
C ARG C 284 -9.22 23.60 34.35
N GLU C 285 -8.35 23.86 33.39
CA GLU C 285 -7.99 25.22 33.02
C GLU C 285 -8.09 25.37 31.51
N SER C 286 -8.64 26.50 31.07
CA SER C 286 -8.77 26.78 29.65
C SER C 286 -8.09 28.10 29.28
N TRP C 287 -7.63 28.17 28.03
CA TRP C 287 -6.77 29.25 27.58
C TRP C 287 -7.44 30.62 27.40
N GLY C 288 -8.70 30.62 26.97
CA GLY C 288 -9.38 31.87 26.66
C GLY C 288 -8.81 32.54 25.42
N HIS C 289 -8.48 33.83 25.55
CA HIS C 289 -7.95 34.64 24.44
C HIS C 289 -8.84 34.56 23.20
N SER C 290 -10.16 34.59 23.40
CA SER C 290 -11.11 34.56 22.30
C SER C 290 -10.84 35.74 21.40
N MET C 291 -10.97 35.53 20.09
CA MET C 291 -10.62 36.57 19.12
C MET C 291 -11.37 36.44 17.80
N VAL C 292 -11.33 37.51 17.02
CA VAL C 292 -11.82 37.54 15.64
C VAL C 292 -10.64 37.95 14.76
N ILE C 293 -10.44 37.23 13.67
CA ILE C 293 -9.31 37.42 12.76
C ILE C 293 -9.82 37.68 11.35
N ASP C 294 -9.26 38.69 10.67
CA ASP C 294 -9.61 38.98 9.28
C ASP C 294 -8.91 38.04 8.27
N PRO C 295 -9.38 38.01 7.00
CA PRO C 295 -8.79 37.13 5.98
C PRO C 295 -7.30 37.36 5.68
N TRP C 296 -6.74 38.44 6.22
CA TRP C 296 -5.33 38.75 6.02
C TRP C 296 -4.49 38.33 7.24
N GLY C 297 -5.16 37.83 8.27
CA GLY C 297 -4.49 37.34 9.49
C GLY C 297 -4.40 38.35 10.62
N LYS C 298 -5.05 39.50 10.45
CA LYS C 298 -5.03 40.56 11.45
C LYS C 298 -6.07 40.28 12.52
N ILE C 299 -5.64 40.35 13.79
CA ILE C 299 -6.56 40.23 14.92
C ILE C 299 -7.33 41.53 15.03
N ILE C 300 -8.64 41.46 14.80
CA ILE C 300 -9.47 42.66 14.81
C ILE C 300 -10.33 42.81 16.06
N ALA C 301 -10.47 41.72 16.81
CA ALA C 301 -11.13 41.75 18.12
C ALA C 301 -10.51 40.67 18.99
N HIS C 302 -10.38 40.95 20.28
CA HIS C 302 -9.71 40.05 21.21
C HIS C 302 -10.25 40.24 22.62
N ALA C 303 -10.41 39.13 23.34
CA ALA C 303 -10.87 39.15 24.73
C ALA C 303 -9.96 40.04 25.59
N ASP C 304 -10.59 40.77 26.52
CA ASP C 304 -9.86 41.62 27.45
C ASP C 304 -9.28 40.74 28.57
N PRO C 305 -7.93 40.66 28.66
CA PRO C 305 -7.29 39.83 29.68
C PRO C 305 -7.58 40.28 31.12
N SER C 306 -8.05 41.50 31.29
CA SER C 306 -8.33 42.03 32.63
C SER C 306 -9.71 41.63 33.17
N THR C 307 -10.68 41.39 32.29
CA THR C 307 -11.99 40.94 32.75
C THR C 307 -12.02 39.44 33.02
N VAL C 308 -12.43 39.09 34.24
CA VAL C 308 -12.53 37.71 34.69
C VAL C 308 -13.91 37.16 34.35
N GLY C 309 -13.94 35.93 33.85
CA GLY C 309 -15.21 35.25 33.58
C GLY C 309 -15.83 35.62 32.26
N PRO C 310 -17.18 35.52 32.15
CA PRO C 310 -17.87 35.68 30.87
C PRO C 310 -17.70 37.05 30.23
N GLN C 311 -17.32 37.07 28.96
CA GLN C 311 -17.26 38.31 28.19
C GLN C 311 -17.60 38.10 26.72
N LEU C 312 -17.84 39.21 26.05
CA LEU C 312 -18.23 39.22 24.66
C LEU C 312 -17.31 40.16 23.91
N ILE C 313 -16.86 39.72 22.74
CA ILE C 313 -16.14 40.62 21.85
C ILE C 313 -16.93 40.81 20.56
N LEU C 314 -16.84 42.01 20.00
CA LEU C 314 -17.60 42.36 18.81
C LEU C 314 -16.66 42.68 17.65
N ALA C 315 -17.08 42.34 16.44
CA ALA C 315 -16.36 42.72 15.24
C ALA C 315 -17.33 43.00 14.11
N ASP C 316 -17.03 44.03 13.32
CA ASP C 316 -17.79 44.32 12.11
C ASP C 316 -17.03 43.69 10.96
N LEU C 317 -17.69 42.76 10.26
CA LEU C 317 -17.04 42.02 9.18
C LEU C 317 -17.26 42.72 7.84
N ASP C 318 -16.21 42.74 7.02
CA ASP C 318 -16.21 43.45 5.75
C ASP C 318 -16.09 42.49 4.56
N ARG C 319 -17.20 42.29 3.85
CA ARG C 319 -17.25 41.41 2.69
C ARG C 319 -16.35 41.90 1.54
N GLU C 320 -16.27 43.22 1.40
CA GLU C 320 -15.47 43.85 0.35
C GLU C 320 -13.96 43.66 0.58
N LEU C 321 -13.53 43.72 1.83
CA LEU C 321 -12.15 43.42 2.19
C LEU C 321 -11.82 41.96 1.83
N LEU C 322 -12.73 41.06 2.20
CA LEU C 322 -12.60 39.64 1.89
C LEU C 322 -12.42 39.41 0.39
N GLN C 323 -13.34 39.99 -0.39
CA GLN C 323 -13.32 39.86 -1.86
C GLN C 323 -12.05 40.43 -2.48
N GLU C 324 -11.64 41.62 -2.01
CA GLU C 324 -10.40 42.26 -2.44
C GLU C 324 -9.16 41.38 -2.17
N ILE C 325 -9.08 40.80 -0.98
CA ILE C 325 -7.97 39.91 -0.62
C ILE C 325 -7.93 38.70 -1.57
N ARG C 326 -9.09 38.09 -1.79
CA ARG C 326 -9.20 36.95 -2.69
C ARG C 326 -8.87 37.31 -4.14
N ASN C 327 -9.28 38.50 -4.57
CA ASN C 327 -8.98 38.97 -5.94
C ASN C 327 -7.49 39.17 -6.17
N LYS C 328 -6.80 39.77 -5.20
CA LYS C 328 -5.39 40.11 -5.34
C LYS C 328 -4.48 38.89 -5.23
N MET C 329 -4.87 37.92 -4.41
CA MET C 329 -4.11 36.67 -4.26
C MET C 329 -5.04 35.50 -4.49
N PRO C 330 -5.26 35.13 -5.77
CA PRO C 330 -6.31 34.18 -6.13
C PRO C 330 -5.96 32.72 -5.85
N LEU C 331 -5.69 32.41 -4.59
CA LEU C 331 -5.27 31.07 -4.16
C LEU C 331 -6.15 29.94 -4.72
N TRP C 332 -7.47 30.13 -4.73
CA TRP C 332 -8.35 29.06 -5.19
C TRP C 332 -8.39 28.85 -6.71
N ASN C 333 -7.77 29.76 -7.45
CA ASN C 333 -7.56 29.60 -8.89
C ASN C 333 -6.17 29.04 -9.21
N GLN C 334 -5.40 28.72 -8.17
CA GLN C 334 -3.98 28.42 -8.32
C GLN C 334 -3.56 27.11 -7.68
N ARG C 335 -4.52 26.36 -7.15
CA ARG C 335 -4.25 25.08 -6.50
C ARG C 335 -3.87 24.03 -7.53
N ARG C 336 -3.11 23.03 -7.09
CA ARG C 336 -2.69 21.95 -7.97
C ARG C 336 -3.48 20.68 -7.65
N ASP C 337 -4.78 20.72 -7.97
CA ASP C 337 -5.69 19.59 -7.79
C ASP C 337 -5.25 18.38 -8.62
N ASP C 338 -4.62 18.66 -9.76
CA ASP C 338 -4.03 17.60 -10.59
C ASP C 338 -3.08 16.70 -9.80
N LEU C 339 -2.45 17.26 -8.77
CA LEU C 339 -1.47 16.54 -7.96
C LEU C 339 -1.88 16.23 -6.52
N PHE C 340 -2.72 17.07 -5.92
CA PHE C 340 -3.08 16.92 -4.50
C PHE C 340 -4.53 16.51 -4.20
N HIS C 341 -5.40 16.64 -5.20
CA HIS C 341 -6.82 16.31 -5.02
C HIS C 341 -7.42 15.72 -6.30
N LYS D 38 27.01 -32.70 -11.50
CA LYS D 38 27.51 -34.10 -11.54
C LYS D 38 26.37 -35.07 -11.80
N LEU D 39 26.61 -36.03 -12.69
CA LEU D 39 25.56 -36.90 -13.24
C LEU D 39 25.49 -38.29 -12.63
N LYS D 40 24.28 -38.68 -12.22
CA LYS D 40 23.99 -40.04 -11.75
C LYS D 40 22.85 -40.60 -12.58
N ARG D 41 22.90 -41.89 -12.90
CA ARG D 41 21.92 -42.50 -13.81
C ARG D 41 20.74 -43.17 -13.10
N VAL D 42 19.54 -42.77 -13.50
CA VAL D 42 18.31 -43.40 -13.01
C VAL D 42 17.66 -44.24 -14.11
N ALA D 43 17.07 -45.36 -13.71
CA ALA D 43 16.21 -46.14 -14.59
C ALA D 43 14.80 -46.13 -14.03
N VAL D 44 13.82 -45.87 -14.90
CA VAL D 44 12.42 -45.94 -14.55
C VAL D 44 11.77 -47.04 -15.38
N ALA D 45 11.13 -47.98 -14.70
CA ALA D 45 10.54 -49.15 -15.36
C ALA D 45 9.05 -49.00 -15.57
N GLN D 46 8.62 -49.40 -16.77
CA GLN D 46 7.21 -49.51 -17.13
C GLN D 46 6.91 -50.99 -17.38
N LEU D 47 5.83 -51.49 -16.78
CA LEU D 47 5.43 -52.89 -16.93
C LEU D 47 3.91 -53.08 -16.89
N CYS D 48 3.46 -54.33 -17.01
CA CYS D 48 2.04 -54.68 -17.00
C CYS D 48 1.81 -55.89 -16.11
N SER D 49 1.58 -55.63 -14.82
CA SER D 49 1.38 -56.71 -13.84
C SER D 49 0.21 -57.63 -14.18
N SER D 50 0.44 -58.92 -13.98
CA SER D 50 -0.63 -59.93 -14.02
C SER D 50 -0.94 -60.34 -12.58
N ALA D 51 -1.84 -61.30 -12.42
CA ALA D 51 -2.13 -61.88 -11.10
C ALA D 51 -1.10 -62.96 -10.75
N ASP D 52 -0.23 -63.28 -11.70
CA ASP D 52 0.77 -64.33 -11.54
C ASP D 52 2.08 -63.77 -11.00
N LEU D 53 2.30 -63.95 -9.70
CA LEU D 53 3.49 -63.43 -9.03
C LEU D 53 4.80 -64.00 -9.58
N THR D 54 4.77 -65.27 -9.99
CA THR D 54 5.92 -65.92 -10.60
C THR D 54 6.31 -65.23 -11.91
N LYS D 55 5.34 -65.02 -12.80
CA LYS D 55 5.56 -64.36 -14.08
C LYS D 55 5.98 -62.90 -13.91
N ASN D 56 5.35 -62.20 -12.97
CA ASN D 56 5.70 -60.81 -12.67
C ASN D 56 7.13 -60.68 -12.16
N LEU D 57 7.54 -61.58 -11.27
CA LEU D 57 8.90 -61.60 -10.73
C LEU D 57 9.94 -61.75 -11.84
N LYS D 58 9.67 -62.64 -12.78
CA LYS D 58 10.54 -62.85 -13.94
C LYS D 58 10.74 -61.56 -14.73
N VAL D 59 9.64 -60.84 -14.97
CA VAL D 59 9.67 -59.54 -15.65
C VAL D 59 10.47 -58.51 -14.85
N VAL D 60 10.19 -58.43 -13.54
CA VAL D 60 10.90 -57.53 -12.64
C VAL D 60 12.42 -57.80 -12.63
N LYS D 61 12.79 -59.08 -12.55
CA LYS D 61 14.20 -59.48 -12.59
C LYS D 61 14.90 -59.04 -13.87
N GLU D 62 14.21 -59.19 -15.00
CA GLU D 62 14.75 -58.84 -16.31
C GLU D 62 14.96 -57.32 -16.45
N LEU D 63 14.02 -56.55 -15.93
CA LEU D 63 14.13 -55.09 -15.91
C LEU D 63 15.26 -54.59 -15.03
N ILE D 64 15.46 -55.24 -13.88
CA ILE D 64 16.58 -54.90 -13.00
C ILE D 64 17.91 -55.24 -13.69
N SER D 65 17.96 -56.43 -14.30
CA SER D 65 19.13 -56.87 -15.06
C SER D 65 19.53 -55.85 -16.13
N GLU D 66 18.56 -55.44 -16.94
CA GLU D 66 18.77 -54.46 -18.00
C GLU D 66 19.24 -53.10 -17.45
N ALA D 67 18.66 -52.69 -16.32
CA ALA D 67 19.05 -51.44 -15.66
C ALA D 67 20.52 -51.43 -15.27
N ILE D 68 21.00 -52.54 -14.69
CA ILE D 68 22.40 -52.67 -14.31
C ILE D 68 23.31 -52.64 -15.56
N GLN D 69 22.90 -53.37 -16.60
CA GLN D 69 23.63 -53.42 -17.87
C GLN D 69 23.78 -52.03 -18.46
N LYS D 70 22.74 -51.22 -18.33
CA LYS D 70 22.74 -49.83 -18.81
C LYS D 70 23.30 -48.84 -17.79
N LYS D 71 23.93 -49.37 -16.74
CA LYS D 71 24.67 -48.60 -15.72
C LYS D 71 23.83 -47.62 -14.89
N ALA D 72 22.58 -47.99 -14.63
CA ALA D 72 21.72 -47.23 -13.74
C ALA D 72 22.10 -47.50 -12.29
N ASP D 73 22.12 -46.45 -11.47
CA ASP D 73 22.46 -46.59 -10.05
C ASP D 73 21.28 -47.04 -9.19
N VAL D 74 20.07 -46.64 -9.59
CA VAL D 74 18.84 -47.05 -8.93
C VAL D 74 17.77 -47.26 -10.01
N VAL D 75 16.96 -48.30 -9.83
CA VAL D 75 15.85 -48.56 -10.74
C VAL D 75 14.52 -48.47 -9.98
N PHE D 76 13.57 -47.77 -10.58
CA PHE D 76 12.27 -47.50 -9.98
C PHE D 76 11.17 -48.21 -10.76
N LEU D 77 10.40 -49.06 -10.08
CA LEU D 77 9.32 -49.83 -10.70
C LEU D 77 7.94 -49.42 -10.14
N PRO D 78 6.86 -49.65 -10.90
CA PRO D 78 5.54 -49.11 -10.55
C PRO D 78 4.88 -49.69 -9.31
N GLU D 79 3.76 -49.08 -8.92
CA GLU D 79 2.86 -49.61 -7.91
C GLU D 79 2.44 -51.03 -8.29
N ALA D 80 2.23 -51.87 -7.28
CA ALA D 80 1.73 -53.23 -7.49
C ALA D 80 2.50 -54.02 -8.55
N SER D 81 3.83 -54.00 -8.45
CA SER D 81 4.69 -54.76 -9.35
C SER D 81 4.72 -56.25 -9.01
N ASP D 82 4.18 -56.62 -7.84
CA ASP D 82 4.07 -58.03 -7.47
C ASP D 82 2.83 -58.69 -8.08
N TYR D 83 1.69 -58.00 -7.97
CA TYR D 83 0.44 -58.46 -8.58
C TYR D 83 -0.60 -57.36 -8.68
N LEU D 84 -1.55 -57.55 -9.57
CA LEU D 84 -2.85 -56.87 -9.50
C LEU D 84 -3.92 -57.95 -9.44
N SER D 85 -5.04 -57.64 -8.78
CA SER D 85 -6.05 -58.65 -8.46
C SER D 85 -7.43 -58.37 -9.08
N GLN D 86 -8.30 -59.38 -9.02
CA GLN D 86 -9.64 -59.29 -9.58
C GLN D 86 -10.61 -58.54 -8.67
N ASN D 87 -10.36 -58.61 -7.36
CA ASN D 87 -11.19 -57.98 -6.33
C ASN D 87 -10.50 -58.01 -4.95
N PRO D 88 -11.14 -57.42 -3.92
CA PRO D 88 -10.60 -57.43 -2.55
C PRO D 88 -10.24 -58.80 -1.96
N LEU D 89 -11.08 -59.81 -2.18
CA LEU D 89 -10.82 -61.17 -1.68
C LEU D 89 -9.64 -61.84 -2.40
N HIS D 90 -9.52 -61.57 -3.70
CA HIS D 90 -8.41 -62.07 -4.49
C HIS D 90 -7.10 -61.44 -4.05
N SER D 91 -7.13 -60.14 -3.75
CA SER D 91 -5.95 -59.43 -3.28
C SER D 91 -5.45 -59.99 -1.95
N ARG D 92 -6.37 -60.25 -1.02
CA ARG D 92 -6.01 -60.82 0.28
C ARG D 92 -5.39 -62.20 0.13
N TYR D 93 -5.92 -62.99 -0.79
CA TYR D 93 -5.37 -64.29 -1.17
C TYR D 93 -3.96 -64.14 -1.73
N LEU D 94 -3.77 -63.15 -2.59
CA LEU D 94 -2.47 -62.96 -3.25
C LEU D 94 -1.41 -62.34 -2.34
N ALA D 95 -1.84 -61.44 -1.44
CA ALA D 95 -0.95 -60.83 -0.45
C ALA D 95 -0.19 -61.85 0.40
N GLN D 96 -0.79 -63.01 0.62
CA GLN D 96 -0.15 -64.09 1.39
C GLN D 96 1.11 -64.61 0.71
N LYS D 97 1.15 -64.48 -0.61
CA LYS D 97 2.25 -64.96 -1.44
C LYS D 97 3.34 -63.90 -1.63
N SER D 98 3.02 -62.67 -1.24
CA SER D 98 3.92 -61.52 -1.42
C SER D 98 5.21 -61.57 -0.61
N PRO D 99 5.18 -62.05 0.66
CA PRO D 99 6.44 -62.13 1.40
C PRO D 99 7.50 -63.00 0.72
N LYS D 100 7.08 -64.12 0.14
CA LYS D 100 7.99 -65.02 -0.59
C LYS D 100 8.54 -64.32 -1.84
N PHE D 101 7.67 -63.59 -2.53
CA PHE D 101 8.06 -62.75 -3.69
C PHE D 101 9.19 -61.81 -3.30
N ILE D 102 9.01 -61.09 -2.20
CA ILE D 102 9.98 -60.12 -1.70
C ILE D 102 11.33 -60.76 -1.32
N ARG D 103 11.28 -61.88 -0.61
CA ARG D 103 12.51 -62.60 -0.24
C ARG D 103 13.28 -63.03 -1.49
N GLN D 104 12.55 -63.54 -2.48
CA GLN D 104 13.15 -63.94 -3.76
C GLN D 104 13.74 -62.75 -4.51
N LEU D 105 13.11 -61.59 -4.38
CA LEU D 105 13.61 -60.38 -5.01
C LEU D 105 14.92 -59.90 -4.37
N GLN D 106 14.98 -59.95 -3.05
CA GLN D 106 16.20 -59.60 -2.30
C GLN D 106 17.39 -60.44 -2.76
N SER D 107 17.19 -61.75 -2.85
CA SER D 107 18.20 -62.68 -3.35
C SER D 107 18.60 -62.41 -4.79
N SER D 108 17.61 -62.18 -5.65
CA SER D 108 17.85 -61.90 -7.06
C SER D 108 18.64 -60.61 -7.29
N ILE D 109 18.36 -59.58 -6.49
CA ILE D 109 19.11 -58.33 -6.55
C ILE D 109 20.59 -58.58 -6.25
N THR D 110 20.87 -59.28 -5.15
CA THR D 110 22.26 -59.63 -4.79
C THR D 110 22.92 -60.48 -5.88
N ASP D 111 22.16 -61.42 -6.45
CA ASP D 111 22.64 -62.25 -7.56
C ASP D 111 23.05 -61.37 -8.74
N LEU D 112 22.15 -60.49 -9.15
CA LEU D 112 22.33 -59.64 -10.33
C LEU D 112 23.48 -58.64 -10.15
N VAL D 113 23.61 -58.09 -8.94
CA VAL D 113 24.71 -57.20 -8.61
C VAL D 113 26.05 -57.94 -8.75
N ARG D 114 26.12 -59.14 -8.17
CA ARG D 114 27.31 -59.98 -8.22
C ARG D 114 27.70 -60.36 -9.65
N ASP D 115 26.73 -60.83 -10.42
CA ASP D 115 26.99 -61.31 -11.78
C ASP D 115 27.27 -60.20 -12.79
N ASN D 116 27.10 -58.95 -12.36
CA ASN D 116 27.48 -57.78 -13.16
C ASN D 116 28.62 -56.97 -12.53
N SER D 117 28.94 -57.27 -11.26
CA SER D 117 29.90 -56.50 -10.45
C SER D 117 29.60 -55.01 -10.41
N ARG D 118 28.31 -54.68 -10.50
CA ARG D 118 27.87 -53.29 -10.39
C ARG D 118 26.66 -53.18 -9.48
N ASN D 119 26.76 -52.28 -8.50
CA ASN D 119 25.68 -52.04 -7.56
C ASN D 119 24.46 -51.39 -8.19
N ILE D 120 23.29 -51.75 -7.68
CA ILE D 120 22.04 -51.08 -8.00
C ILE D 120 21.12 -51.14 -6.79
N ASP D 121 20.32 -50.09 -6.61
CA ASP D 121 19.25 -50.12 -5.63
C ASP D 121 17.91 -50.22 -6.36
N VAL D 122 16.90 -50.72 -5.65
CA VAL D 122 15.60 -50.99 -6.26
C VAL D 122 14.46 -50.37 -5.45
N SER D 123 13.68 -49.52 -6.11
CA SER D 123 12.42 -49.02 -5.56
C SER D 123 11.26 -49.71 -6.28
N ILE D 124 10.41 -50.39 -5.52
CA ILE D 124 9.39 -51.24 -6.13
C ILE D 124 8.10 -51.31 -5.29
N GLY D 125 6.97 -51.12 -5.95
CA GLY D 125 5.66 -51.23 -5.32
C GLY D 125 5.22 -52.68 -5.18
N VAL D 126 4.83 -53.05 -3.98
CA VAL D 126 4.35 -54.42 -3.70
C VAL D 126 3.13 -54.35 -2.78
N HIS D 127 2.55 -55.51 -2.49
CA HIS D 127 1.50 -55.62 -1.47
C HIS D 127 2.05 -56.39 -0.27
N LEU D 128 1.46 -56.14 0.89
CA LEU D 128 1.76 -56.93 2.09
C LEU D 128 0.47 -57.32 2.81
N PRO D 129 0.42 -58.55 3.36
CA PRO D 129 -0.78 -58.98 4.07
C PRO D 129 -0.96 -58.21 5.38
N PRO D 130 -2.20 -58.12 5.90
CA PRO D 130 -2.37 -57.57 7.23
C PRO D 130 -1.58 -58.41 8.25
N SER D 131 -1.04 -57.75 9.27
CA SER D 131 -0.37 -58.46 10.36
C SER D 131 -1.40 -59.15 11.24
N GLU D 132 -0.93 -60.05 12.11
CA GLU D 132 -1.80 -60.74 13.06
C GLU D 132 -2.48 -59.74 14.00
N GLN D 133 -1.75 -58.69 14.35
CA GLN D 133 -2.31 -57.59 15.16
C GLN D 133 -3.45 -56.88 14.43
N ASP D 134 -3.27 -56.64 13.14
CA ASP D 134 -4.28 -55.98 12.31
C ASP D 134 -5.59 -56.77 12.29
N LEU D 135 -5.48 -58.08 12.15
CA LEU D 135 -6.65 -58.98 12.12
C LEU D 135 -7.38 -58.98 13.46
N LEU D 136 -6.62 -59.02 14.54
CA LEU D 136 -7.14 -58.96 15.90
C LEU D 136 -7.88 -57.63 16.16
N GLU D 137 -7.43 -56.57 15.50
CA GLU D 137 -8.01 -55.24 15.64
C GLU D 137 -9.13 -54.94 14.64
N GLY D 138 -9.45 -55.94 13.81
CA GLY D 138 -10.53 -55.80 12.84
C GLY D 138 -10.12 -55.17 11.53
N ASN D 139 -8.84 -54.81 11.41
CA ASN D 139 -8.30 -54.23 10.19
C ASN D 139 -7.77 -55.31 9.25
N ASP D 140 -8.69 -55.99 8.57
CA ASP D 140 -8.38 -57.10 7.68
C ASP D 140 -8.14 -56.61 6.24
N ARG D 141 -7.20 -55.68 6.09
CA ARG D 141 -6.93 -55.11 4.78
C ARG D 141 -5.47 -55.25 4.41
N VAL D 142 -5.19 -55.39 3.12
CA VAL D 142 -3.82 -55.50 2.63
C VAL D 142 -3.11 -54.14 2.65
N ARG D 143 -1.79 -54.18 2.67
CA ARG D 143 -0.97 -52.97 2.70
C ARG D 143 -0.40 -52.71 1.32
N ASN D 144 -0.57 -51.47 0.83
CA ASN D 144 0.03 -51.03 -0.42
C ASN D 144 1.37 -50.37 -0.10
N VAL D 145 2.46 -51.05 -0.41
CA VAL D 145 3.78 -50.67 0.10
C VAL D 145 4.81 -50.43 -1.01
N LEU D 146 5.59 -49.36 -0.85
CA LEU D 146 6.74 -49.11 -1.70
C LEU D 146 8.02 -49.48 -0.95
N LEU D 147 8.73 -50.49 -1.45
CA LEU D 147 9.99 -50.92 -0.84
C LEU D 147 11.18 -50.25 -1.50
N TYR D 148 12.17 -49.92 -0.67
CA TYR D 148 13.49 -49.55 -1.16
C TYR D 148 14.47 -50.63 -0.72
N ILE D 149 15.04 -51.32 -1.70
CA ILE D 149 15.97 -52.42 -1.46
C ILE D 149 17.34 -52.04 -2.02
N ASP D 150 18.36 -52.04 -1.18
CA ASP D 150 19.72 -51.67 -1.60
C ASP D 150 20.47 -52.82 -2.26
N HIS D 151 21.69 -52.54 -2.72
CA HIS D 151 22.51 -53.50 -3.45
C HIS D 151 22.84 -54.76 -2.65
N GLU D 152 22.73 -54.68 -1.32
CA GLU D 152 22.93 -55.83 -0.44
C GLU D 152 21.63 -56.59 -0.17
N GLY D 153 20.55 -56.20 -0.85
CA GLY D 153 19.25 -56.82 -0.68
C GLY D 153 18.58 -56.48 0.64
N LYS D 154 19.06 -55.41 1.29
CA LYS D 154 18.49 -54.95 2.55
C LYS D 154 17.34 -53.98 2.31
N ILE D 155 16.19 -54.25 2.93
CA ILE D 155 15.04 -53.36 2.83
C ILE D 155 15.26 -52.14 3.72
N LEU D 156 15.46 -50.99 3.08
CA LEU D 156 15.75 -49.74 3.80
C LEU D 156 14.49 -48.95 4.18
N GLN D 157 13.40 -49.19 3.46
CA GLN D 157 12.13 -48.51 3.72
C GLN D 157 10.94 -49.35 3.27
N GLU D 158 9.87 -49.29 4.04
CA GLU D 158 8.58 -49.85 3.66
C GLU D 158 7.55 -48.73 3.79
N TYR D 159 7.28 -48.05 2.69
CA TYR D 159 6.30 -46.96 2.73
C TYR D 159 4.89 -47.43 2.41
N GLN D 160 4.01 -47.33 3.40
CA GLN D 160 2.61 -47.68 3.22
C GLN D 160 1.80 -46.47 2.73
N LYS D 161 1.21 -46.62 1.54
CA LYS D 161 0.42 -45.59 0.86
C LYS D 161 -0.53 -44.83 1.78
N LEU D 162 -0.39 -43.50 1.81
CA LEU D 162 -1.15 -42.64 2.72
C LEU D 162 -2.54 -42.26 2.20
N HIS D 163 -2.62 -41.88 0.93
CA HIS D 163 -3.88 -41.48 0.30
C HIS D 163 -4.36 -42.57 -0.63
N LEU D 164 -5.52 -43.14 -0.31
CA LEU D 164 -6.06 -44.26 -1.09
C LEU D 164 -7.04 -43.81 -2.17
N PHE D 165 -7.00 -44.48 -3.31
CA PHE D 165 -7.78 -44.13 -4.48
C PHE D 165 -9.26 -44.53 -4.36
N ASP D 166 -10.04 -43.66 -3.72
CA ASP D 166 -11.50 -43.81 -3.65
C ASP D 166 -12.13 -42.74 -4.53
N VAL D 167 -12.39 -43.10 -5.79
CA VAL D 167 -12.78 -42.14 -6.80
C VAL D 167 -13.80 -42.74 -7.77
N ASP D 168 -14.82 -41.94 -8.12
CA ASP D 168 -15.68 -42.25 -9.24
C ASP D 168 -15.04 -41.64 -10.49
N VAL D 169 -14.42 -42.50 -11.28
CA VAL D 169 -13.69 -42.07 -12.46
C VAL D 169 -14.66 -41.59 -13.55
N PRO D 170 -14.49 -40.32 -14.01
CA PRO D 170 -15.29 -39.80 -15.11
C PRO D 170 -15.21 -40.70 -16.33
N ASN D 171 -16.38 -41.11 -16.83
CA ASN D 171 -16.46 -42.11 -17.92
C ASN D 171 -15.67 -43.40 -17.62
N GLY D 172 -15.63 -43.78 -16.34
CA GLY D 172 -14.92 -44.96 -15.90
C GLY D 172 -15.62 -45.66 -14.74
N PRO D 173 -14.90 -46.58 -14.05
CA PRO D 173 -15.49 -47.32 -12.95
C PRO D 173 -15.49 -46.56 -11.63
N ILE D 174 -16.33 -47.00 -10.69
CA ILE D 174 -16.31 -46.49 -9.32
C ILE D 174 -15.29 -47.34 -8.55
N LEU D 175 -14.22 -46.70 -8.10
CA LEU D 175 -13.15 -47.40 -7.40
C LEU D 175 -13.06 -47.03 -5.94
N LYS D 176 -12.96 -48.05 -5.09
CA LYS D 176 -12.78 -47.87 -3.65
C LYS D 176 -11.59 -48.70 -3.14
N GLU D 177 -10.40 -48.13 -3.26
CA GLU D 177 -9.18 -48.80 -2.79
C GLU D 177 -9.24 -49.16 -1.30
N SER D 178 -9.85 -48.29 -0.50
CA SER D 178 -9.92 -48.48 0.95
C SER D 178 -10.75 -49.68 1.41
N LYS D 179 -11.45 -50.31 0.46
CA LYS D 179 -12.21 -51.54 0.73
C LYS D 179 -11.31 -52.76 0.91
N SER D 180 -10.17 -52.77 0.24
CA SER D 180 -9.21 -53.88 0.37
C SER D 180 -7.90 -53.46 0.99
N VAL D 181 -7.63 -52.14 0.98
CA VAL D 181 -6.33 -51.61 1.38
C VAL D 181 -6.44 -50.71 2.62
N GLN D 182 -5.47 -50.84 3.52
CA GLN D 182 -5.40 -50.01 4.72
C GLN D 182 -4.42 -48.85 4.52
N PRO D 183 -4.83 -47.62 4.88
CA PRO D 183 -3.94 -46.46 4.68
C PRO D 183 -2.76 -46.46 5.66
N GLY D 184 -1.66 -45.83 5.24
CA GLY D 184 -0.44 -45.74 6.05
C GLY D 184 -0.59 -44.80 7.22
N LYS D 185 0.39 -44.86 8.13
CA LYS D 185 0.35 -44.11 9.38
C LYS D 185 1.50 -43.11 9.51
N ALA D 186 2.43 -43.12 8.56
CA ALA D 186 3.65 -42.31 8.67
C ALA D 186 4.12 -41.68 7.37
N ILE D 187 4.69 -40.48 7.50
CA ILE D 187 5.45 -39.84 6.44
C ILE D 187 6.77 -40.62 6.28
N PRO D 188 7.10 -41.02 5.03
CA PRO D 188 8.33 -41.79 4.84
C PRO D 188 9.59 -40.91 4.93
N ASP D 189 10.62 -41.43 5.60
CA ASP D 189 11.90 -40.73 5.71
C ASP D 189 12.54 -40.52 4.34
N ILE D 190 13.32 -39.45 4.22
CA ILE D 190 14.17 -39.25 3.07
C ILE D 190 15.23 -40.36 3.04
N ILE D 191 15.43 -40.93 1.86
CA ILE D 191 16.44 -41.97 1.67
C ILE D 191 17.68 -41.37 1.01
N GLU D 192 18.83 -41.58 1.65
CA GLU D 192 20.11 -41.18 1.09
C GLU D 192 20.53 -42.15 -0.02
N SER D 193 19.95 -41.95 -1.20
CA SER D 193 20.17 -42.86 -2.33
C SER D 193 21.44 -42.50 -3.11
N PRO D 194 21.97 -43.45 -3.92
CA PRO D 194 23.09 -43.18 -4.84
C PRO D 194 22.84 -42.00 -5.78
N LEU D 195 21.57 -41.65 -6.00
CA LEU D 195 21.23 -40.54 -6.87
C LEU D 195 21.13 -39.23 -6.10
N GLY D 196 21.01 -39.33 -4.79
CA GLY D 196 20.78 -38.18 -3.92
C GLY D 196 19.61 -38.42 -2.99
N LYS D 197 19.12 -37.34 -2.40
CA LYS D 197 18.05 -37.43 -1.40
C LYS D 197 16.69 -37.72 -2.03
N LEU D 198 16.14 -38.88 -1.67
CA LEU D 198 14.91 -39.38 -2.28
C LEU D 198 13.72 -39.27 -1.34
N GLY D 199 12.65 -38.67 -1.83
CA GLY D 199 11.35 -38.70 -1.15
C GLY D 199 10.45 -39.68 -1.88
N SER D 200 9.77 -40.54 -1.14
CA SER D 200 8.95 -41.59 -1.74
C SER D 200 7.45 -41.37 -1.55
N ALA D 201 6.68 -41.81 -2.54
CA ALA D 201 5.26 -41.70 -2.63
C ALA D 201 4.65 -42.72 -3.60
N ILE D 202 3.35 -42.92 -3.48
CA ILE D 202 2.55 -43.75 -4.35
C ILE D 202 1.42 -43.06 -5.00
N CYS D 203 1.44 -43.13 -6.36
CA CYS D 203 0.27 -42.89 -7.17
C CYS D 203 -0.45 -41.64 -6.86
N TYR D 204 -1.76 -41.82 -6.29
CA TYR D 204 -2.80 -40.91 -5.71
C TYR D 204 -2.15 -39.86 -4.81
N ASP D 205 -1.16 -40.29 -4.04
CA ASP D 205 -0.34 -39.38 -3.21
C ASP D 205 0.05 -38.10 -3.96
N ILE D 206 0.27 -38.24 -5.27
CA ILE D 206 0.73 -37.14 -6.13
C ILE D 206 -0.25 -35.95 -6.16
N ARG D 207 -1.52 -36.20 -5.86
CA ARG D 207 -2.56 -35.16 -5.98
C ARG D 207 -2.61 -34.23 -4.76
N PHE D 208 -1.89 -34.60 -3.71
CA PHE D 208 -1.93 -33.87 -2.45
C PHE D 208 -0.62 -33.11 -2.26
N PRO D 209 -0.55 -31.86 -2.77
CA PRO D 209 0.72 -31.14 -2.91
C PRO D 209 1.48 -30.99 -1.58
N GLU D 210 0.75 -30.88 -0.47
CA GLU D 210 1.37 -30.73 0.85
C GLU D 210 2.33 -31.88 1.20
N PHE D 211 2.05 -33.08 0.71
CA PHE D 211 2.93 -34.24 0.87
C PHE D 211 4.28 -33.98 0.19
N SER D 212 4.24 -33.72 -1.12
CA SER D 212 5.46 -33.40 -1.87
C SER D 212 6.21 -32.22 -1.28
N LEU D 213 5.47 -31.21 -0.80
CA LEU D 213 6.08 -30.04 -0.20
C LEU D 213 6.86 -30.41 1.07
N LYS D 214 6.23 -31.22 1.92
CA LYS D 214 6.84 -31.71 3.13
C LYS D 214 8.12 -32.50 2.82
N LEU D 215 8.06 -33.32 1.77
CA LEU D 215 9.21 -34.14 1.36
C LEU D 215 10.40 -33.25 0.98
N ARG D 216 10.13 -32.20 0.20
CA ARG D 216 11.16 -31.22 -0.11
C ARG D 216 11.68 -30.52 1.16
N SER D 217 10.77 -30.13 2.05
CA SER D 217 11.15 -29.50 3.32
C SER D 217 12.07 -30.40 4.15
N MET D 218 11.84 -31.71 4.08
CA MET D 218 12.65 -32.72 4.75
C MET D 218 13.99 -32.96 4.04
N GLY D 219 14.12 -32.46 2.82
CA GLY D 219 15.41 -32.48 2.12
C GLY D 219 15.47 -33.23 0.81
N ALA D 220 14.32 -33.66 0.29
CA ALA D 220 14.25 -34.38 -1.00
C ALA D 220 14.86 -33.58 -2.16
N GLU D 221 15.59 -34.30 -3.02
CA GLU D 221 16.12 -33.77 -4.27
C GLU D 221 15.44 -34.49 -5.43
N ILE D 222 14.91 -35.68 -5.13
CA ILE D 222 14.21 -36.53 -6.10
C ILE D 222 12.92 -37.04 -5.46
N LEU D 223 11.83 -37.01 -6.24
CA LEU D 223 10.56 -37.58 -5.81
C LEU D 223 10.12 -38.67 -6.78
N CYS D 224 9.59 -39.77 -6.26
CA CYS D 224 9.05 -40.83 -7.11
C CYS D 224 7.57 -41.08 -6.87
N PHE D 225 6.84 -41.37 -7.95
CA PHE D 225 5.41 -41.66 -7.86
C PHE D 225 5.02 -42.94 -8.62
N PRO D 226 5.55 -44.11 -8.20
CA PRO D 226 5.14 -45.38 -8.82
C PRO D 226 3.62 -45.52 -8.79
N SER D 227 3.03 -45.91 -9.91
CA SER D 227 1.58 -45.78 -10.11
C SER D 227 0.94 -46.90 -10.90
N ALA D 228 -0.32 -47.18 -10.59
CA ALA D 228 -1.25 -47.84 -11.50
C ALA D 228 -2.35 -46.81 -11.78
N PHE D 229 -2.09 -45.96 -12.77
CA PHE D 229 -2.93 -44.81 -13.07
C PHE D 229 -3.98 -45.18 -14.11
N THR D 230 -5.19 -44.66 -13.94
CA THR D 230 -6.29 -44.97 -14.87
C THR D 230 -6.10 -44.29 -16.23
N ILE D 231 -6.88 -44.73 -17.21
CA ILE D 231 -6.84 -44.15 -18.54
C ILE D 231 -7.45 -42.75 -18.57
N LYS D 232 -8.67 -42.63 -18.04
CA LYS D 232 -9.42 -41.38 -18.07
C LYS D 232 -8.75 -40.24 -17.30
N THR D 233 -8.13 -40.56 -16.17
CA THR D 233 -7.43 -39.53 -15.39
C THR D 233 -5.99 -39.38 -15.85
N GLY D 234 -5.43 -40.45 -16.41
CA GLY D 234 -4.09 -40.43 -16.99
C GLY D 234 -3.98 -39.50 -18.18
N GLU D 235 -4.93 -39.60 -19.12
CA GLU D 235 -4.94 -38.74 -20.30
C GLU D 235 -5.14 -37.27 -19.94
N ALA D 236 -5.84 -37.02 -18.85
CA ALA D 236 -6.11 -35.66 -18.38
C ALA D 236 -4.97 -35.09 -17.56
N HIS D 237 -4.46 -35.86 -16.59
CA HIS D 237 -3.65 -35.30 -15.49
C HIS D 237 -2.25 -35.85 -15.25
N TRP D 238 -1.92 -37.01 -15.81
CA TRP D 238 -0.65 -37.69 -15.51
C TRP D 238 0.57 -36.79 -15.70
N GLU D 239 0.75 -36.28 -16.91
CA GLU D 239 1.90 -35.43 -17.23
C GLU D 239 1.87 -34.14 -16.43
N LEU D 240 0.68 -33.51 -16.39
CA LEU D 240 0.48 -32.28 -15.64
C LEU D 240 0.93 -32.39 -14.18
N LEU D 241 0.44 -33.43 -13.50
CA LEU D 241 0.75 -33.66 -12.08
C LEU D 241 2.24 -33.86 -11.83
N GLY D 242 2.89 -34.67 -12.65
CA GLY D 242 4.33 -34.89 -12.52
C GLY D 242 5.12 -33.60 -12.71
N ARG D 243 4.81 -32.89 -13.78
CA ARG D 243 5.48 -31.62 -14.09
C ARG D 243 5.22 -30.58 -13.00
N ALA D 244 3.99 -30.57 -12.47
CA ALA D 244 3.61 -29.67 -11.39
C ALA D 244 4.42 -29.92 -10.12
N ARG D 245 4.49 -31.18 -9.70
CA ARG D 245 5.24 -31.53 -8.49
C ARG D 245 6.73 -31.21 -8.62
N ALA D 246 7.28 -31.45 -9.81
CA ALA D 246 8.68 -31.12 -10.10
C ALA D 246 8.95 -29.63 -9.92
N VAL D 247 8.10 -28.81 -10.54
CA VAL D 247 8.23 -27.35 -10.49
C VAL D 247 7.89 -26.81 -9.09
N ASP D 248 6.86 -27.37 -8.45
CA ASP D 248 6.50 -27.00 -7.07
C ASP D 248 7.68 -27.20 -6.12
N THR D 249 8.38 -28.33 -6.27
CA THR D 249 9.36 -28.76 -5.27
C THR D 249 10.81 -28.56 -5.70
N GLN D 250 11.02 -28.17 -6.96
CA GLN D 250 12.37 -28.08 -7.54
C GLN D 250 13.13 -29.38 -7.31
N CYS D 251 12.46 -30.50 -7.62
CA CYS D 251 13.04 -31.83 -7.53
C CYS D 251 12.92 -32.54 -8.87
N TYR D 252 13.85 -33.46 -9.14
CA TYR D 252 13.65 -34.43 -10.20
C TYR D 252 12.47 -35.31 -9.80
N VAL D 253 11.60 -35.61 -10.77
CA VAL D 253 10.40 -36.39 -10.52
C VAL D 253 10.38 -37.63 -11.40
N LEU D 254 10.27 -38.79 -10.75
CA LEU D 254 10.27 -40.07 -11.45
C LEU D 254 8.87 -40.63 -11.43
N MET D 255 8.40 -41.06 -12.61
CA MET D 255 7.03 -41.53 -12.76
CA MET D 255 7.03 -41.53 -12.77
C MET D 255 6.98 -42.94 -13.38
N PRO D 256 7.20 -43.98 -12.55
CA PRO D 256 7.09 -45.36 -13.03
C PRO D 256 5.63 -45.81 -13.06
N GLY D 257 5.11 -46.11 -14.24
CA GLY D 257 3.70 -46.44 -14.38
C GLY D 257 3.42 -47.82 -14.96
N GLN D 258 2.40 -48.47 -14.42
CA GLN D 258 1.80 -49.65 -15.05
C GLN D 258 1.25 -49.24 -16.41
N VAL D 259 1.26 -50.15 -17.38
CA VAL D 259 0.72 -49.86 -18.71
C VAL D 259 -0.18 -50.98 -19.23
N GLY D 260 -1.17 -50.61 -20.05
CA GLY D 260 -1.95 -51.57 -20.83
C GLY D 260 -3.01 -52.36 -20.10
N MET D 261 -3.57 -53.36 -20.79
CA MET D 261 -4.61 -54.21 -20.26
C MET D 261 -4.00 -55.31 -19.39
N HIS D 262 -4.43 -55.39 -18.14
CA HIS D 262 -3.90 -56.37 -17.20
C HIS D 262 -4.61 -57.71 -17.31
N ASP D 263 -3.83 -58.79 -17.37
CA ASP D 263 -4.35 -60.15 -17.36
C ASP D 263 -4.43 -60.64 -15.91
N LEU D 264 -5.63 -60.69 -15.36
CA LEU D 264 -5.81 -61.01 -13.96
C LEU D 264 -6.17 -62.50 -13.73
N SER D 265 -5.85 -63.33 -14.71
CA SER D 265 -6.16 -64.78 -14.66
C SER D 265 -5.49 -65.47 -13.47
N ASP D 266 -6.29 -66.25 -12.74
CA ASP D 266 -5.79 -67.03 -11.60
C ASP D 266 -6.72 -68.25 -11.39
N PRO D 267 -6.54 -69.31 -12.19
CA PRO D 267 -7.43 -70.48 -12.18
C PRO D 267 -7.52 -71.17 -10.81
N GLU D 268 -6.52 -71.04 -9.98
CA GLU D 268 -6.65 -71.65 -8.69
C GLU D 268 -7.49 -70.87 -7.68
N TRP D 269 -7.33 -69.56 -7.57
CA TRP D 269 -8.14 -68.78 -6.70
C TRP D 269 -9.60 -68.85 -7.17
N GLU D 270 -9.74 -68.93 -8.48
CA GLU D 270 -11.03 -68.91 -9.10
C GLU D 270 -11.81 -70.17 -8.70
N LYS D 271 -11.15 -71.32 -8.67
CA LYS D 271 -11.53 -72.53 -7.85
C LYS D 271 -12.36 -72.20 -6.65
N ARG D 283 -12.61 -54.94 -17.01
CA ARG D 283 -11.27 -54.84 -17.56
C ARG D 283 -10.47 -53.75 -16.85
N ARG D 284 -9.23 -54.07 -16.49
CA ARG D 284 -8.36 -53.09 -15.87
C ARG D 284 -7.26 -52.71 -16.86
N GLU D 285 -7.10 -51.41 -17.06
CA GLU D 285 -6.12 -50.88 -17.99
C GLU D 285 -5.39 -49.70 -17.38
N SER D 286 -4.06 -49.70 -17.49
CA SER D 286 -3.25 -48.62 -16.94
C SER D 286 -2.68 -47.69 -18.01
N TRP D 287 -2.50 -46.42 -17.64
CA TRP D 287 -2.09 -45.34 -18.56
C TRP D 287 -0.69 -45.49 -19.16
N GLY D 288 0.28 -45.91 -18.35
CA GLY D 288 1.67 -45.95 -18.80
C GLY D 288 2.28 -44.56 -18.86
N HIS D 289 2.87 -44.22 -20.01
CA HIS D 289 3.54 -42.92 -20.21
C HIS D 289 4.58 -42.61 -19.12
N SER D 290 5.31 -43.63 -18.70
CA SER D 290 6.35 -43.46 -17.68
C SER D 290 7.37 -42.42 -18.12
N MET D 291 7.82 -41.59 -17.18
CA MET D 291 8.69 -40.47 -17.52
C MET D 291 9.59 -40.04 -16.38
N VAL D 292 10.61 -39.26 -16.74
CA VAL D 292 11.50 -38.58 -15.81
C VAL D 292 11.39 -37.09 -16.11
N ILE D 293 11.29 -36.27 -15.06
CA ILE D 293 11.09 -34.83 -15.18
C ILE D 293 12.13 -34.08 -14.36
N ASP D 294 12.78 -33.09 -14.97
CA ASP D 294 13.78 -32.29 -14.28
C ASP D 294 13.11 -31.23 -13.37
N PRO D 295 13.88 -30.62 -12.44
CA PRO D 295 13.32 -29.66 -11.47
C PRO D 295 12.74 -28.39 -12.10
N TRP D 296 12.97 -28.22 -13.40
CA TRP D 296 12.39 -27.10 -14.15
C TRP D 296 11.10 -27.52 -14.85
N GLY D 297 10.73 -28.79 -14.74
CA GLY D 297 9.49 -29.30 -15.34
C GLY D 297 9.64 -29.86 -16.75
N LYS D 298 10.89 -29.98 -17.20
CA LYS D 298 11.17 -30.53 -18.52
C LYS D 298 11.23 -32.05 -18.46
N ILE D 299 10.46 -32.71 -19.33
CA ILE D 299 10.52 -34.15 -19.49
C ILE D 299 11.84 -34.50 -20.19
N ILE D 300 12.67 -35.28 -19.51
CA ILE D 300 13.99 -35.62 -20.04
C ILE D 300 14.09 -37.06 -20.50
N ALA D 301 13.09 -37.86 -20.13
CA ALA D 301 12.96 -39.25 -20.58
C ALA D 301 11.48 -39.64 -20.55
N HIS D 302 11.07 -40.45 -21.52
CA HIS D 302 9.67 -40.84 -21.64
C HIS D 302 9.56 -42.21 -22.30
N ALA D 303 8.60 -43.00 -21.83
CA ALA D 303 8.32 -44.33 -22.39
C ALA D 303 7.92 -44.26 -23.86
N ASP D 304 8.41 -45.22 -24.63
CA ASP D 304 8.08 -45.36 -26.05
C ASP D 304 6.68 -45.97 -26.19
N PRO D 305 5.74 -45.22 -26.78
CA PRO D 305 4.35 -45.69 -26.90
C PRO D 305 4.15 -46.84 -27.89
N SER D 306 5.11 -47.03 -28.80
CA SER D 306 5.05 -48.15 -29.75
C SER D 306 5.35 -49.49 -29.08
N THR D 307 6.27 -49.48 -28.11
CA THR D 307 6.63 -50.66 -27.33
C THR D 307 5.42 -51.14 -26.52
N VAL D 308 5.04 -52.40 -26.74
CA VAL D 308 3.82 -52.94 -26.12
C VAL D 308 4.05 -53.58 -24.75
N GLY D 309 5.19 -54.25 -24.56
CA GLY D 309 5.50 -54.94 -23.32
C GLY D 309 6.17 -54.05 -22.28
N PRO D 310 6.85 -54.68 -21.29
CA PRO D 310 7.62 -53.91 -20.32
C PRO D 310 8.80 -53.20 -20.98
N GLN D 311 9.12 -52.00 -20.50
CA GLN D 311 10.24 -51.24 -21.05
C GLN D 311 10.96 -50.41 -19.98
N LEU D 312 12.20 -50.05 -20.28
CA LEU D 312 13.01 -49.27 -19.36
C LEU D 312 13.43 -47.97 -20.02
N ILE D 313 13.33 -46.88 -19.27
CA ILE D 313 13.82 -45.57 -19.71
C ILE D 313 14.93 -45.08 -18.80
N LEU D 314 15.89 -44.37 -19.36
CA LEU D 314 17.07 -43.92 -18.63
C LEU D 314 17.20 -42.41 -18.65
N ALA D 315 17.70 -41.86 -17.55
CA ALA D 315 18.01 -40.43 -17.48
C ALA D 315 19.20 -40.20 -16.57
N ASP D 316 20.03 -39.22 -16.93
CA ASP D 316 21.13 -38.78 -16.08
C ASP D 316 20.70 -37.56 -15.30
N LEU D 317 20.78 -37.65 -13.97
CA LEU D 317 20.32 -36.59 -13.09
C LEU D 317 21.46 -35.65 -12.74
N ASP D 318 21.24 -34.35 -12.93
CA ASP D 318 22.27 -33.34 -12.74
C ASP D 318 22.02 -32.53 -11.46
N ARG D 319 22.84 -32.80 -10.44
CA ARG D 319 22.77 -32.09 -9.15
C ARG D 319 23.09 -30.60 -9.28
N GLU D 320 24.03 -30.26 -10.16
CA GLU D 320 24.40 -28.88 -10.40
C GLU D 320 23.24 -28.06 -10.98
N LEU D 321 22.49 -28.64 -11.90
CA LEU D 321 21.29 -28.00 -12.46
C LEU D 321 20.24 -27.80 -11.36
N LEU D 322 20.03 -28.83 -10.54
CA LEU D 322 19.06 -28.76 -9.45
C LEU D 322 19.41 -27.66 -8.46
N GLN D 323 20.69 -27.60 -8.08
CA GLN D 323 21.20 -26.60 -7.15
C GLN D 323 21.09 -25.19 -7.73
N GLU D 324 21.46 -25.05 -9.01
CA GLU D 324 21.37 -23.76 -9.73
C GLU D 324 19.94 -23.21 -9.73
N ILE D 325 18.99 -24.08 -10.08
CA ILE D 325 17.57 -23.74 -10.08
C ILE D 325 17.11 -23.26 -8.68
N ARG D 326 17.48 -24.04 -7.66
CA ARG D 326 17.14 -23.71 -6.27
C ARG D 326 17.82 -22.40 -5.82
N ASN D 327 19.00 -22.13 -6.35
CA ASN D 327 19.72 -20.89 -6.03
C ASN D 327 19.06 -19.65 -6.65
N LYS D 328 18.65 -19.77 -7.91
CA LYS D 328 18.11 -18.64 -8.66
C LYS D 328 16.65 -18.33 -8.30
N MET D 329 15.91 -19.36 -7.89
CA MET D 329 14.53 -19.18 -7.41
C MET D 329 14.40 -19.86 -6.04
N PRO D 330 14.85 -19.17 -4.97
CA PRO D 330 14.96 -19.80 -3.65
C PRO D 330 13.63 -19.92 -2.89
N LEU D 331 12.71 -20.70 -3.46
CA LEU D 331 11.34 -20.82 -2.92
C LEU D 331 11.28 -21.22 -1.45
N TRP D 332 12.17 -22.10 -1.03
CA TRP D 332 12.20 -22.57 0.36
C TRP D 332 12.80 -21.58 1.37
N ASN D 333 13.30 -20.46 0.85
CA ASN D 333 13.68 -19.32 1.69
C ASN D 333 12.61 -18.23 1.63
N GLN D 334 11.51 -18.53 0.94
CA GLN D 334 10.50 -17.50 0.64
C GLN D 334 9.07 -17.89 1.04
N ARG D 335 8.91 -19.02 1.72
CA ARG D 335 7.58 -19.48 2.12
C ARG D 335 7.03 -18.65 3.27
N ARG D 336 5.71 -18.66 3.44
CA ARG D 336 5.09 -17.90 4.52
C ARG D 336 4.61 -18.85 5.63
N ASP D 337 5.57 -19.45 6.33
CA ASP D 337 5.28 -20.39 7.41
C ASP D 337 4.60 -19.72 8.59
N ASP D 338 4.80 -18.40 8.73
CA ASP D 338 4.06 -17.60 9.69
C ASP D 338 2.54 -17.67 9.48
N LEU D 339 2.12 -17.88 8.24
CA LEU D 339 0.70 -17.89 7.88
C LEU D 339 0.13 -19.27 7.53
N PHE D 340 0.95 -20.12 6.90
CA PHE D 340 0.47 -21.42 6.42
C PHE D 340 1.07 -22.59 7.20
C1 AKG E . 4.03 35.39 -0.80
O1 AKG E . 3.65 34.24 -0.79
O2 AKG E . 3.43 36.36 -0.35
C2 AKG E . 5.35 35.58 -1.47
O5 AKG E . 5.97 36.57 -1.40
C3 AKG E . 5.89 34.42 -2.21
C4 AKG E . 6.85 34.61 -3.31
C5 AKG E . 7.70 33.43 -3.65
O4 AKG E . 7.20 32.75 -4.51
C1 GOL F . 15.80 31.65 -25.28
O1 GOL F . 14.54 32.13 -24.83
C2 GOL F . 16.71 32.82 -25.62
O2 GOL F . 16.01 33.74 -26.43
C3 GOL F . 17.16 33.51 -24.33
O3 GOL F . 18.31 34.30 -24.57
C1 GOL G . 27.20 10.11 3.52
O1 GOL G . 27.45 10.07 2.12
C2 GOL G . 27.12 11.56 3.98
O2 GOL G . 26.15 12.25 3.22
C3 GOL G . 26.73 11.61 5.45
O3 GOL G . 27.74 12.30 6.15
C1 GOL H . 7.84 9.26 -3.04
O1 GOL H . 7.98 10.22 -4.05
C2 GOL H . 8.31 9.82 -1.71
O2 GOL H . 9.70 10.05 -1.74
C3 GOL H . 7.98 8.82 -0.60
O3 GOL H . 8.72 7.63 -0.78
C1 GOL I . 3.87 9.05 16.18
O1 GOL I . 3.62 7.73 16.58
C2 GOL I . 2.61 9.59 15.52
O2 GOL I . 2.59 11.00 15.61
C3 GOL I . 2.62 9.20 14.05
O3 GOL I . 1.75 8.10 13.90
C1 GOL J . 17.00 32.91 20.15
O1 GOL J . 17.41 32.51 18.87
C2 GOL J . 18.17 32.80 21.13
O2 GOL J . 19.18 33.71 20.75
C3 GOL J . 17.70 33.16 22.53
O3 GOL J . 17.13 32.01 23.13
C1 GOL K . 7.01 29.53 19.99
O1 GOL K . 8.16 30.02 20.65
C2 GOL K . 6.24 28.58 20.91
O2 GOL K . 7.11 27.61 21.45
C3 GOL K . 5.06 27.91 20.21
O3 GOL K . 5.29 27.72 18.84
C1 GOL L . 27.98 37.90 -19.39
O1 GOL L . 27.33 37.66 -20.62
C2 GOL L . 27.47 39.20 -18.78
O2 GOL L . 27.81 40.24 -19.66
C3 GOL L . 25.97 39.14 -18.56
O3 GOL L . 25.26 39.55 -19.71
AS CAC M . 21.77 20.20 -15.54
O1 CAC M . 20.18 19.51 -15.67
O2 CAC M . 22.95 18.94 -15.35
C1 CAC M . 22.17 21.24 -17.16
C2 CAC M . 21.82 21.38 -13.97
AS CAC N . 11.87 34.85 -9.95
O1 CAC N . 11.52 36.54 -9.73
O2 CAC N . 13.21 34.62 -11.04
C1 CAC N . 12.31 34.01 -8.22
C2 CAC N . 10.27 33.99 -10.68
C1 AKG O . 7.22 -16.36 -11.85
O1 AKG O . 7.98 -16.96 -12.59
O2 AKG O . 6.70 -16.85 -10.85
C2 AKG O . 6.91 -14.94 -12.20
O5 AKG O . 7.25 -14.49 -13.21
C3 AKG O . 6.15 -14.12 -11.26
C4 AKG O . 6.13 -12.65 -11.23
C5 AKG O . 4.99 -12.11 -10.44
O3 AKG O . 5.09 -12.10 -9.28
C1 GOL P . -16.02 -32.53 -0.32
O1 GOL P . -16.47 -31.26 -0.73
C2 GOL P . -16.13 -33.53 -1.46
O2 GOL P . -15.45 -33.06 -2.60
C3 GOL P . -17.60 -33.80 -1.79
O3 GOL P . -18.14 -32.71 -2.50
C1 GOL Q . -15.35 -11.41 -28.13
O1 GOL Q . -16.66 -10.99 -27.81
C2 GOL Q . -14.78 -12.18 -26.93
O2 GOL Q . -13.89 -11.36 -26.20
C3 GOL Q . -14.04 -13.40 -27.48
O3 GOL Q . -14.84 -14.55 -27.24
C1 GOL R . -17.06 -26.17 -0.31
O1 GOL R . -16.96 -27.33 -1.10
C2 GOL R . -16.95 -24.93 -1.21
O2 GOL R . -15.59 -24.68 -1.52
C3 GOL R . -17.53 -23.72 -0.49
O3 GOL R . -18.86 -23.50 -0.92
C1 GOL S . -6.88 -30.81 -21.00
O1 GOL S . -7.92 -30.12 -21.67
C2 GOL S . -7.44 -31.73 -19.91
O2 GOL S . -8.75 -32.14 -20.23
C3 GOL S . -7.46 -30.98 -18.60
O3 GOL S . -6.48 -31.47 -17.72
C1 GOL T . 4.06 12.16 -14.22
O1 GOL T . 5.25 12.19 -13.46
C2 GOL T . 3.21 13.40 -13.96
O2 GOL T . 3.29 14.27 -15.07
C3 GOL T . 3.79 14.13 -12.76
O3 GOL T . 2.87 14.10 -11.71
AS CAC U . -7.54 4.01 -0.47
O1 CAC U . -9.19 4.05 0.07
O2 CAC U . -6.90 2.41 -0.26
C1 CAC U . -7.45 4.53 -2.35
C2 CAC U . -6.47 5.27 0.59
AS CAC V . 6.09 -4.53 -9.72
O1 CAC V . 5.57 -2.88 -9.50
O2 CAC V . 7.24 -4.61 -11.01
C1 CAC V . 6.93 -5.15 -8.07
C2 CAC V . 4.51 -5.62 -10.14
C1 AKG W . -5.15 21.60 20.91
O1 AKG W . -5.45 21.44 19.74
O2 AKG W . -3.98 21.73 21.22
C2 AKG W . -6.26 21.71 21.92
O5 AKG W . -6.07 22.26 22.93
C3 AKG W . -7.60 21.13 21.58
C4 AKG W . -8.76 21.11 22.50
C5 AKG W . -10.00 21.04 21.71
O3 AKG W . -10.13 20.04 21.04
C1 GOL X . -42.10 27.97 21.29
O1 GOL X . -42.49 28.01 19.94
C2 GOL X . -41.25 29.18 21.65
O2 GOL X . -40.04 29.15 20.96
C3 GOL X . -40.97 29.16 23.15
O3 GOL X . -42.08 29.69 23.85
C1 GOL Y . -10.87 32.32 37.10
O1 GOL Y . -9.91 31.38 36.69
C2 GOL Y . -12.15 31.58 37.49
O2 GOL Y . -12.63 30.85 36.37
C3 GOL Y . -13.21 32.57 37.94
O3 GOL Y . -14.10 31.88 38.78
AS CAC Z . -13.28 13.97 29.84
O1 CAC Z . -14.88 13.70 30.46
O2 CAC Z . -12.81 15.62 30.14
C1 CAC Z . -12.02 12.76 30.74
C2 CAC Z . -13.25 13.61 27.91
AS CAC AA . -15.11 17.59 26.29
O1 CAC AA . -16.55 18.02 27.18
O2 CAC AA . -14.71 18.87 25.18
C1 CAC AA . -13.60 17.32 27.49
C2 CAC AA . -15.46 15.94 25.30
C1 AKG BA . -5.63 -40.54 -10.15
O1 AKG BA . -6.36 -40.03 -10.94
O2 AKG BA . -5.29 -39.85 -9.22
C2 AKG BA . -5.20 -41.96 -10.33
O5 AKG BA . -5.39 -42.57 -11.30
C3 AKG BA . -4.41 -42.54 -9.19
C4 AKG BA . -4.35 -43.99 -9.00
C5 AKG BA . -3.24 -44.33 -8.04
O3 AKG BA . -3.54 -44.36 -6.86
C1 GOL CA . 9.21 -27.51 -20.38
O1 GOL CA . 9.94 -28.21 -21.37
C2 GOL CA . 10.17 -26.89 -19.38
O2 GOL CA . 11.12 -26.12 -20.06
C3 GOL CA . 9.39 -25.99 -18.42
O3 GOL CA . 8.57 -26.76 -17.57
C1 GOL DA . -9.92 -48.66 -15.66
O1 GOL DA . -9.04 -49.76 -15.84
C2 GOL DA . -9.52 -47.54 -16.62
O2 GOL DA . -8.18 -47.20 -16.37
C3 GOL DA . -10.42 -46.33 -16.38
O3 GOL DA . -10.03 -45.27 -17.23
AS CAC EA . -4.30 -52.14 -6.08
O1 CAC EA . -3.87 -53.76 -5.64
O2 CAC EA . -5.50 -52.15 -7.35
C1 CAC EA . -5.03 -51.20 -4.54
C2 CAC EA . -2.72 -51.17 -6.72
#